data_3R0O
#
_entry.id   3R0O
#
_cell.length_a   78.890
_cell.length_b   105.610
_cell.length_c   109.520
_cell.angle_alpha   90.000
_cell.angle_beta   90.000
_cell.angle_gamma   90.000
#
_symmetry.space_group_name_H-M   'P 21 21 21'
#
loop_
_entity.id
_entity.type
_entity.pdbx_description
1 polymer 'Carnitinyl-CoA dehydratase'
2 non-polymer 1,2-ETHANEDIOL
3 non-polymer GLYCEROL
4 non-polymer 'POTASSIUM ION'
5 water water
#
_entity_poly.entity_id   1
_entity_poly.type   'polypeptide(L)'
_entity_poly.pdbx_seq_one_letter_code
;GPGSMAETLTEVTRQAAVVERRGNVALITIDRPDARNAVNGAVSTAVGDALEEAQRDPEVWAVVITGAGDKSFCAGADLK
AISRGENLYHAEHPEWGFAGYVHHFIDKPTIAAVNGTALGGGSELALASDLVIACESASFGLPEVKRGLIAGAGGVFRIV
EQLPRKVALELVLTGEPMTASDALRWGLINEVVPDGTVVEAALALAERITCNAPLSVQASKRVAYGADDGIIGAEEPKWE
RTIREFTELLKSEDAKEGPLAFAEKRQPVWKAR
;
_entity_poly.pdbx_strand_id   A,B,C
#
loop_
_chem_comp.id
_chem_comp.type
_chem_comp.name
_chem_comp.formula
EDO non-polymer 1,2-ETHANEDIOL 'C2 H6 O2'
GOL non-polymer GLYCEROL 'C3 H8 O3'
K non-polymer 'POTASSIUM ION' 'K 1'
#
# COMPACT_ATOMS: atom_id res chain seq x y z
N VAL A 12 39.42 -17.65 -6.32
CA VAL A 12 40.50 -16.76 -6.83
C VAL A 12 40.86 -15.58 -5.88
N THR A 13 42.14 -15.20 -5.92
CA THR A 13 42.77 -14.12 -5.12
C THR A 13 42.28 -12.69 -5.49
N ARG A 14 40.95 -12.48 -5.39
CA ARG A 14 40.30 -11.19 -5.68
C ARG A 14 39.25 -10.85 -4.60
N GLN A 15 38.98 -9.56 -4.43
CA GLN A 15 38.01 -9.07 -3.47
C GLN A 15 36.60 -9.44 -3.92
N ALA A 16 35.74 -9.82 -2.98
CA ALA A 16 34.40 -10.32 -3.30
C ALA A 16 33.46 -9.17 -3.66
N ALA A 17 33.68 -8.01 -3.03
CA ALA A 17 32.98 -6.78 -3.36
C ALA A 17 33.95 -5.64 -3.11
N VAL A 18 33.89 -4.61 -3.96
CA VAL A 18 34.74 -3.42 -3.82
C VAL A 18 33.91 -2.18 -3.49
N VAL A 19 34.54 -1.19 -2.84
CA VAL A 19 33.89 0.06 -2.49
C VAL A 19 34.73 1.19 -3.08
N GLU A 20 34.08 2.23 -3.56
CA GLU A 20 34.79 3.42 -4.03
C GLU A 20 33.95 4.65 -3.75
N ARG A 21 34.60 5.80 -3.66
CA ARG A 21 33.90 7.06 -3.48
C ARG A 21 33.73 7.80 -4.79
N ARG A 22 32.56 8.37 -5.00
CA ARG A 22 32.33 9.35 -6.08
C ARG A 22 31.63 10.55 -5.44
N GLY A 23 32.39 11.61 -5.15
CA GLY A 23 31.84 12.75 -4.40
C GLY A 23 31.37 12.29 -3.04
N ASN A 24 30.14 12.65 -2.66
CA ASN A 24 29.55 12.22 -1.38
C ASN A 24 28.82 10.84 -1.49
N VAL A 25 29.16 10.03 -2.50
CA VAL A 25 28.50 8.73 -2.72
C VAL A 25 29.47 7.55 -2.56
N ALA A 26 29.03 6.55 -1.80
CA ALA A 26 29.76 5.30 -1.69
C ALA A 26 29.14 4.32 -2.65
N LEU A 27 29.95 3.88 -3.61
CA LEU A 27 29.56 2.88 -4.60
C LEU A 27 30.12 1.50 -4.23
N ILE A 28 29.21 0.56 -4.00
CA ILE A 28 29.58 -0.81 -3.66
C ILE A 28 29.27 -1.67 -4.84
N THR A 29 30.23 -2.48 -5.29
CA THR A 29 30.04 -3.34 -6.44
C THR A 29 30.28 -4.75 -5.95
N ILE A 30 29.25 -5.60 -6.04
CA ILE A 30 29.45 -7.02 -5.84
C ILE A 30 30.26 -7.53 -7.03
N ASP A 31 31.44 -8.09 -6.75
CA ASP A 31 32.37 -8.40 -7.82
C ASP A 31 32.71 -9.88 -7.93
N ARG A 32 31.72 -10.70 -8.29
CA ARG A 32 31.95 -12.12 -8.58
C ARG A 32 31.20 -12.50 -9.86
N PRO A 33 31.56 -11.89 -11.00
CA PRO A 33 30.68 -12.06 -12.18
C PRO A 33 30.69 -13.48 -12.78
N ASP A 34 31.73 -14.26 -12.51
CA ASP A 34 31.76 -15.67 -12.91
C ASP A 34 30.73 -16.48 -12.14
N ALA A 35 30.41 -16.05 -10.92
CA ALA A 35 29.43 -16.73 -10.10
C ALA A 35 28.10 -15.98 -10.13
N ARG A 36 27.92 -15.15 -11.17
CA ARG A 36 26.73 -14.32 -11.38
C ARG A 36 26.42 -13.46 -10.15
N ASN A 37 27.49 -13.07 -9.45
CA ASN A 37 27.38 -12.16 -8.34
C ASN A 37 26.60 -12.72 -7.17
N ALA A 38 26.64 -14.06 -7.05
CA ALA A 38 26.03 -14.74 -5.89
C ALA A 38 26.77 -14.33 -4.61
N VAL A 39 26.06 -14.41 -3.49
CA VAL A 39 26.51 -13.97 -2.18
C VAL A 39 27.06 -15.14 -1.37
N ASN A 40 28.34 -15.06 -1.03
CA ASN A 40 28.91 -15.93 -0.03
C ASN A 40 29.28 -15.12 1.22
N GLY A 41 30.02 -15.71 2.16
CA GLY A 41 30.45 -14.96 3.37
C GLY A 41 31.35 -13.76 3.06
N ALA A 42 32.22 -13.90 2.08
CA ALA A 42 33.12 -12.80 1.71
C ALA A 42 32.33 -11.58 1.25
N VAL A 43 31.29 -11.81 0.45
CA VAL A 43 30.44 -10.71 -0.01
C VAL A 43 29.75 -10.03 1.18
N SER A 44 29.11 -10.83 2.05
CA SER A 44 28.40 -10.31 3.20
C SER A 44 29.33 -9.54 4.11
N THR A 45 30.56 -10.02 4.26
CA THR A 45 31.55 -9.28 5.06
C THR A 45 31.85 -7.90 4.45
N ALA A 46 32.14 -7.91 3.16
CA ALA A 46 32.54 -6.70 2.47
C ALA A 46 31.37 -5.69 2.41
N VAL A 47 30.20 -6.17 2.03
CA VAL A 47 29.01 -5.30 1.92
C VAL A 47 28.57 -4.79 3.31
N GLY A 48 28.45 -5.68 4.30
CA GLY A 48 28.13 -5.25 5.67
C GLY A 48 29.10 -4.19 6.19
N ASP A 49 30.41 -4.45 6.06
CA ASP A 49 31.45 -3.47 6.48
C ASP A 49 31.29 -2.15 5.73
N ALA A 50 31.00 -2.23 4.43
CA ALA A 50 30.85 -1.03 3.61
C ALA A 50 29.66 -0.19 4.07
N LEU A 51 28.56 -0.85 4.38
CA LEU A 51 27.38 -0.13 4.84
C LEU A 51 27.63 0.56 6.18
N GLU A 52 28.30 -0.13 7.11
CA GLU A 52 28.56 0.43 8.44
C GLU A 52 29.46 1.66 8.36
N GLU A 53 30.46 1.56 7.50
CA GLU A 53 31.37 2.66 7.20
C GLU A 53 30.60 3.84 6.57
N ALA A 54 29.72 3.56 5.60
CA ALA A 54 28.87 4.63 5.01
C ALA A 54 28.02 5.32 6.07
N GLN A 55 27.47 4.52 6.99
CA GLN A 55 26.69 5.03 8.10
C GLN A 55 27.54 5.99 8.95
N ARG A 56 28.74 5.56 9.31
CA ARG A 56 29.60 6.27 10.24
C ARG A 56 30.25 7.52 9.65
N ASP A 57 30.53 7.51 8.35
CA ASP A 57 31.26 8.63 7.75
C ASP A 57 30.29 9.78 7.41
N PRO A 58 30.41 10.93 8.13
CA PRO A 58 29.47 12.07 7.92
C PRO A 58 29.48 12.63 6.49
N GLU A 59 30.60 12.44 5.77
CA GLU A 59 30.76 12.87 4.38
C GLU A 59 30.11 11.94 3.31
N VAL A 60 29.64 10.75 3.70
CA VAL A 60 28.94 9.88 2.73
C VAL A 60 27.48 10.21 2.85
N TRP A 61 26.87 10.73 1.77
CA TRP A 61 25.47 11.16 1.84
C TRP A 61 24.48 10.25 1.12
N ALA A 62 25.00 9.25 0.40
CA ALA A 62 24.18 8.26 -0.30
C ALA A 62 25.03 7.06 -0.66
N VAL A 63 24.36 5.91 -0.84
CA VAL A 63 25.01 4.67 -1.18
C VAL A 63 24.37 4.08 -2.44
N VAL A 64 25.21 3.52 -3.31
CA VAL A 64 24.76 2.76 -4.46
C VAL A 64 25.37 1.37 -4.38
N ILE A 65 24.54 0.35 -4.55
CA ILE A 65 25.03 -1.02 -4.67
C ILE A 65 24.71 -1.59 -6.07
N THR A 66 25.67 -2.27 -6.69
CA THR A 66 25.50 -2.83 -8.01
C THR A 66 26.27 -4.16 -8.13
N GLY A 67 26.08 -4.86 -9.26
CA GLY A 67 26.83 -6.12 -9.53
C GLY A 67 27.77 -5.88 -10.70
N ALA A 68 28.92 -6.56 -10.71
CA ALA A 68 29.85 -6.51 -11.84
C ALA A 68 29.24 -7.09 -13.13
N GLY A 69 29.61 -6.51 -14.26
CA GLY A 69 29.17 -7.02 -15.57
C GLY A 69 27.72 -6.64 -15.90
N ASP A 70 27.19 -7.30 -16.93
CA ASP A 70 25.92 -6.90 -17.52
C ASP A 70 24.92 -8.03 -17.49
N LYS A 71 25.28 -9.19 -16.96
CA LYS A 71 24.39 -10.32 -17.02
C LYS A 71 23.53 -10.47 -15.77
N SER A 72 24.14 -10.20 -14.62
CA SER A 72 23.52 -10.51 -13.33
C SER A 72 23.85 -9.47 -12.27
N PHE A 73 22.81 -8.90 -11.67
CA PHE A 73 22.91 -8.02 -10.49
C PHE A 73 23.32 -8.86 -9.29
N CYS A 74 22.55 -9.90 -9.00
CA CYS A 74 22.81 -10.80 -7.91
C CYS A 74 21.92 -12.02 -8.11
N ALA A 75 22.56 -13.18 -8.21
CA ALA A 75 21.86 -14.43 -8.51
C ALA A 75 21.25 -15.04 -7.26
N GLY A 76 21.57 -14.47 -6.10
CA GLY A 76 21.04 -14.97 -4.82
C GLY A 76 22.17 -15.54 -3.98
N ALA A 77 21.82 -16.46 -3.09
CA ALA A 77 22.79 -17.10 -2.20
C ALA A 77 23.67 -18.02 -3.04
N ASP A 78 24.97 -18.10 -2.74
CA ASP A 78 25.89 -18.98 -3.47
C ASP A 78 25.66 -20.47 -3.16
N LEU A 79 25.25 -21.24 -4.17
CA LEU A 79 24.85 -22.63 -3.94
C LEU A 79 26.02 -23.55 -3.52
N LYS A 80 27.21 -23.32 -4.09
CA LYS A 80 28.40 -24.06 -3.67
C LYS A 80 28.77 -23.76 -2.22
N ALA A 81 28.74 -22.49 -1.82
CA ALA A 81 29.03 -22.09 -0.44
C ALA A 81 28.08 -22.76 0.55
N ILE A 82 26.80 -22.82 0.17
CA ILE A 82 25.81 -23.53 0.97
C ILE A 82 26.16 -25.00 1.14
N SER A 83 26.61 -25.63 0.05
CA SER A 83 26.92 -27.05 0.09
C SER A 83 28.23 -27.33 0.86
N ARG A 84 29.12 -26.34 0.91
CA ARG A 84 30.32 -26.47 1.75
C ARG A 84 30.00 -26.19 3.22
N GLY A 85 28.75 -25.78 3.49
CA GLY A 85 28.29 -25.46 4.84
C GLY A 85 28.98 -24.23 5.38
N GLU A 86 29.46 -23.39 4.47
CA GLU A 86 30.05 -22.11 4.81
C GLU A 86 29.00 -21.19 5.41
N ASN A 87 29.46 -20.30 6.27
CA ASN A 87 28.63 -19.20 6.72
C ASN A 87 28.44 -18.20 5.59
N LEU A 88 27.21 -17.78 5.31
CA LEU A 88 26.89 -16.83 4.25
C LEU A 88 26.70 -15.37 4.72
N TYR A 89 26.75 -15.14 6.02
CA TYR A 89 26.43 -13.85 6.61
C TYR A 89 27.67 -13.23 7.18
N HIS A 90 27.58 -11.95 7.50
CA HIS A 90 28.67 -11.26 8.16
C HIS A 90 28.99 -11.99 9.46
N ALA A 91 30.26 -12.35 9.63
CA ALA A 91 30.69 -13.17 10.76
C ALA A 91 30.51 -12.51 12.12
N GLU A 92 30.66 -11.19 12.20
CA GLU A 92 30.44 -10.45 13.45
C GLU A 92 28.97 -10.10 13.69
N HIS A 93 28.21 -9.99 12.59
CA HIS A 93 26.86 -9.45 12.65
C HIS A 93 25.89 -10.24 11.81
N PRO A 94 25.62 -11.49 12.21
CA PRO A 94 24.66 -12.27 11.44
C PRO A 94 23.28 -11.59 11.43
N GLU A 95 22.97 -10.76 12.43
CA GLU A 95 21.67 -10.07 12.49
C GLU A 95 21.39 -9.14 11.32
N TRP A 96 22.45 -8.71 10.60
CA TRP A 96 22.30 -7.93 9.37
C TRP A 96 21.66 -8.76 8.26
N GLY A 97 21.64 -10.07 8.42
CA GLY A 97 21.00 -10.98 7.45
C GLY A 97 21.79 -11.11 6.15
N PHE A 98 21.07 -11.54 5.12
CA PHE A 98 21.63 -11.83 3.80
C PHE A 98 22.47 -10.67 3.22
N ALA A 99 23.62 -11.05 2.65
CA ALA A 99 24.68 -10.13 2.15
C ALA A 99 25.12 -9.02 3.13
N GLY A 100 24.78 -9.16 4.41
CA GLY A 100 25.07 -8.13 5.42
C GLY A 100 24.29 -6.84 5.12
N TYR A 101 23.19 -7.01 4.39
CA TYR A 101 22.50 -5.88 3.73
C TYR A 101 21.02 -5.79 4.11
N VAL A 102 20.28 -6.90 4.09
CA VAL A 102 18.81 -6.80 4.12
C VAL A 102 18.20 -6.38 5.47
N HIS A 103 18.91 -6.62 6.57
CA HIS A 103 18.37 -6.24 7.88
C HIS A 103 19.42 -5.36 8.54
N HIS A 104 19.85 -4.34 7.80
CA HIS A 104 20.98 -3.51 8.20
C HIS A 104 20.58 -2.07 7.85
N PHE A 105 19.66 -1.51 8.64
CA PHE A 105 19.21 -0.13 8.38
C PHE A 105 20.34 0.90 8.58
N ILE A 106 20.51 1.84 7.64
CA ILE A 106 21.39 2.99 7.85
C ILE A 106 20.68 4.29 7.48
N ASP A 107 21.19 5.42 7.98
CA ASP A 107 20.57 6.72 7.74
C ASP A 107 20.66 7.20 6.29
N LYS A 108 21.71 6.77 5.60
CA LYS A 108 22.02 7.23 4.25
C LYS A 108 21.13 6.52 3.22
N PRO A 109 20.61 7.26 2.23
CA PRO A 109 19.76 6.62 1.20
C PRO A 109 20.55 5.61 0.37
N THR A 110 19.91 4.50 0.06
CA THR A 110 20.57 3.44 -0.68
C THR A 110 19.85 3.28 -2.00
N ILE A 111 20.62 3.10 -3.07
CA ILE A 111 20.06 2.93 -4.40
C ILE A 111 20.58 1.62 -4.98
N ALA A 112 19.69 0.69 -5.30
CA ALA A 112 20.16 -0.51 -6.02
C ALA A 112 20.23 -0.20 -7.51
N ALA A 113 21.43 -0.36 -8.09
CA ALA A 113 21.64 -0.17 -9.50
C ALA A 113 21.66 -1.57 -10.11
N VAL A 114 20.50 -1.99 -10.59
CA VAL A 114 20.27 -3.37 -11.03
C VAL A 114 20.72 -3.55 -12.51
N ASN A 115 21.94 -4.07 -12.65
CA ASN A 115 22.67 -4.21 -13.90
C ASN A 115 22.34 -5.47 -14.69
N GLY A 116 21.45 -6.31 -14.16
CA GLY A 116 21.09 -7.55 -14.84
C GLY A 116 20.06 -8.31 -14.05
N THR A 117 19.96 -9.61 -14.29
CA THR A 117 19.00 -10.46 -13.59
C THR A 117 19.10 -10.30 -12.07
N ALA A 118 17.94 -10.20 -11.42
CA ALA A 118 17.84 -10.01 -9.96
C ALA A 118 16.76 -10.91 -9.38
N LEU A 119 16.97 -12.23 -9.42
CA LEU A 119 15.99 -13.19 -8.94
C LEU A 119 16.36 -13.58 -7.51
N GLY A 120 15.36 -13.95 -6.71
CA GLY A 120 15.60 -14.37 -5.34
C GLY A 120 16.26 -13.32 -4.45
N GLY A 121 17.38 -13.72 -3.84
CA GLY A 121 18.18 -12.82 -3.00
C GLY A 121 18.51 -11.48 -3.65
N GLY A 122 18.60 -11.48 -4.97
CA GLY A 122 18.88 -10.28 -5.73
C GLY A 122 17.71 -9.33 -5.68
N SER A 123 16.49 -9.84 -5.80
CA SER A 123 15.28 -9.03 -5.59
C SER A 123 15.18 -8.58 -4.14
N GLU A 124 15.64 -9.43 -3.23
CA GLU A 124 15.61 -9.08 -1.82
C GLU A 124 16.54 -7.90 -1.54
N LEU A 125 17.65 -7.81 -2.25
CA LEU A 125 18.53 -6.64 -2.10
C LEU A 125 17.81 -5.40 -2.60
N ALA A 126 17.15 -5.51 -3.76
CA ALA A 126 16.42 -4.37 -4.32
C ALA A 126 15.31 -3.94 -3.38
N LEU A 127 14.57 -4.92 -2.84
CA LEU A 127 13.47 -4.62 -1.90
C LEU A 127 13.93 -3.92 -0.62
N ALA A 128 15.13 -4.26 -0.16
CA ALA A 128 15.70 -3.68 1.04
C ALA A 128 16.23 -2.26 0.76
N SER A 129 16.48 -1.94 -0.51
CA SER A 129 17.07 -0.62 -0.87
C SER A 129 15.97 0.44 -0.89
N ASP A 130 16.33 1.72 -0.79
CA ASP A 130 15.34 2.78 -0.81
C ASP A 130 14.77 3.05 -2.22
N LEU A 131 15.66 2.99 -3.22
CA LEU A 131 15.35 3.35 -4.58
C LEU A 131 15.98 2.30 -5.51
N VAL A 132 15.42 2.15 -6.71
CA VAL A 132 15.95 1.16 -7.65
C VAL A 132 15.98 1.67 -9.09
N ILE A 133 17.13 1.50 -9.75
CA ILE A 133 17.24 1.71 -11.20
C ILE A 133 17.63 0.37 -11.82
N ALA A 134 16.89 -0.04 -12.84
CA ALA A 134 17.19 -1.29 -13.50
C ALA A 134 17.50 -1.05 -14.99
N CYS A 135 18.32 -1.89 -15.57
CA CYS A 135 18.56 -1.86 -17.00
C CYS A 135 17.40 -2.60 -17.68
N GLU A 136 17.25 -2.38 -18.99
CA GLU A 136 16.17 -2.94 -19.82
C GLU A 136 16.01 -4.43 -19.62
N SER A 137 17.13 -5.16 -19.61
CA SER A 137 17.05 -6.61 -19.57
C SER A 137 17.01 -7.20 -18.14
N ALA A 138 16.94 -6.35 -17.11
CA ALA A 138 16.82 -6.84 -15.72
C ALA A 138 15.43 -7.47 -15.49
N SER A 139 15.36 -8.37 -14.52
CA SER A 139 14.07 -8.91 -14.11
C SER A 139 14.14 -9.21 -12.64
N PHE A 140 12.98 -9.27 -12.01
CA PHE A 140 12.84 -9.48 -10.59
C PHE A 140 11.92 -10.68 -10.38
N GLY A 141 12.08 -11.34 -9.24
CA GLY A 141 11.19 -12.41 -8.87
C GLY A 141 11.68 -13.11 -7.61
N LEU A 142 10.81 -13.95 -7.07
CA LEU A 142 11.12 -14.76 -5.90
C LEU A 142 10.79 -16.22 -6.25
N PRO A 143 11.72 -16.89 -6.96
CA PRO A 143 11.41 -18.26 -7.42
C PRO A 143 11.65 -19.35 -6.37
N GLU A 144 11.85 -18.95 -5.10
CA GLU A 144 12.11 -19.91 -4.01
C GLU A 144 11.06 -21.03 -3.87
N VAL A 145 9.79 -20.70 -4.14
CA VAL A 145 8.71 -21.70 -4.08
C VAL A 145 8.87 -22.82 -5.11
N LYS A 146 9.60 -22.56 -6.19
CA LYS A 146 9.86 -23.59 -7.20
C LYS A 146 10.97 -24.49 -6.73
N ARG A 147 11.69 -24.06 -5.68
CA ARG A 147 12.87 -24.78 -5.18
C ARG A 147 12.61 -25.50 -3.84
N GLY A 148 11.40 -25.36 -3.30
CA GLY A 148 11.08 -25.99 -2.01
C GLY A 148 11.51 -25.23 -0.78
N LEU A 149 11.95 -23.98 -0.95
CA LEU A 149 12.20 -23.08 0.21
C LEU A 149 11.25 -21.87 0.15
N ILE A 150 11.61 -20.76 0.83
CA ILE A 150 10.90 -19.48 0.70
C ILE A 150 11.91 -18.31 0.64
N ALA A 151 11.45 -17.15 0.20
CA ALA A 151 12.27 -15.96 0.21
C ALA A 151 12.39 -15.48 1.67
N GLY A 152 13.43 -15.98 2.34
CA GLY A 152 13.66 -15.70 3.76
C GLY A 152 14.51 -14.49 4.11
N ALA A 153 14.89 -13.67 3.13
CA ALA A 153 15.70 -12.48 3.43
C ALA A 153 14.84 -11.25 3.25
N GLY A 154 13.58 -11.35 3.69
CA GLY A 154 12.67 -10.23 3.67
C GLY A 154 11.73 -10.19 2.47
N GLY A 155 11.96 -11.04 1.47
CA GLY A 155 11.24 -10.91 0.20
C GLY A 155 9.72 -11.02 0.29
N VAL A 156 9.23 -12.01 1.03
CA VAL A 156 7.79 -12.26 1.06
C VAL A 156 7.03 -11.10 1.71
N PHE A 157 7.49 -10.63 2.86
CA PHE A 157 6.75 -9.58 3.51
C PHE A 157 7.02 -8.19 2.93
N ARG A 158 8.15 -8.00 2.25
CA ARG A 158 8.41 -6.69 1.65
C ARG A 158 7.75 -6.53 0.28
N ILE A 159 7.75 -7.59 -0.55
CA ILE A 159 7.07 -7.49 -1.84
C ILE A 159 5.59 -7.09 -1.72
N VAL A 160 4.86 -7.59 -0.71
CA VAL A 160 3.43 -7.26 -0.55
C VAL A 160 3.22 -5.79 -0.19
N GLU A 161 4.29 -5.12 0.25
CA GLU A 161 4.22 -3.72 0.58
C GLU A 161 4.62 -2.85 -0.59
N GLN A 162 5.36 -3.40 -1.54
CA GLN A 162 5.97 -2.60 -2.59
C GLN A 162 5.32 -2.79 -3.96
N LEU A 163 4.42 -3.76 -4.06
CA LEU A 163 3.57 -3.98 -5.21
C LEU A 163 2.13 -3.99 -4.69
N PRO A 164 1.14 -3.71 -5.55
CA PRO A 164 -0.24 -3.97 -5.11
C PRO A 164 -0.37 -5.42 -4.60
N ARG A 165 -1.12 -5.61 -3.52
CA ARG A 165 -1.24 -6.92 -2.86
C ARG A 165 -1.52 -8.13 -3.81
N LYS A 166 -2.56 -8.04 -4.66
CA LYS A 166 -2.84 -9.16 -5.57
C LYS A 166 -1.67 -9.46 -6.51
N VAL A 167 -1.01 -8.42 -7.01
CA VAL A 167 0.12 -8.59 -7.95
C VAL A 167 1.30 -9.20 -7.18
N ALA A 168 1.57 -8.69 -5.97
CA ALA A 168 2.59 -9.24 -5.10
C ALA A 168 2.36 -10.73 -4.81
N LEU A 169 1.11 -11.09 -4.51
CA LEU A 169 0.80 -12.46 -4.14
C LEU A 169 0.99 -13.37 -5.34
N GLU A 170 0.61 -12.91 -6.54
CA GLU A 170 0.87 -13.69 -7.75
C GLU A 170 2.37 -14.00 -7.90
N LEU A 171 3.19 -12.97 -7.69
CA LEU A 171 4.61 -13.11 -7.83
C LEU A 171 5.18 -14.13 -6.80
N VAL A 172 4.75 -14.02 -5.55
CA VAL A 172 5.20 -14.91 -4.46
C VAL A 172 4.74 -16.36 -4.62
N LEU A 173 3.45 -16.53 -4.92
CA LEU A 173 2.82 -17.84 -4.98
C LEU A 173 3.19 -18.65 -6.26
N THR A 174 3.36 -17.97 -7.40
CA THR A 174 3.73 -18.68 -8.64
C THR A 174 5.23 -18.78 -8.78
N GLY A 175 5.96 -17.88 -8.13
CA GLY A 175 7.42 -17.83 -8.27
C GLY A 175 7.89 -17.38 -9.63
N GLU A 176 6.98 -16.75 -10.39
CA GLU A 176 7.27 -16.27 -11.75
C GLU A 176 7.93 -14.88 -11.77
N PRO A 177 8.81 -14.62 -12.78
CA PRO A 177 9.53 -13.33 -12.77
C PRO A 177 8.65 -12.13 -13.21
N MET A 178 9.12 -10.93 -12.90
CA MET A 178 8.49 -9.69 -13.39
C MET A 178 9.54 -8.92 -14.21
N THR A 179 9.21 -8.46 -15.41
CA THR A 179 10.18 -7.69 -16.20
C THR A 179 10.44 -6.32 -15.58
N ALA A 180 11.58 -5.72 -15.92
CA ALA A 180 11.90 -4.35 -15.46
C ALA A 180 10.79 -3.37 -15.83
N SER A 181 10.32 -3.48 -17.07
CA SER A 181 9.25 -2.62 -17.59
C SER A 181 7.97 -2.73 -16.75
N ASP A 182 7.56 -3.95 -16.40
CA ASP A 182 6.39 -4.12 -15.53
C ASP A 182 6.64 -3.59 -14.12
N ALA A 183 7.86 -3.78 -13.62
CA ALA A 183 8.20 -3.27 -12.26
C ALA A 183 8.13 -1.71 -12.18
N LEU A 184 8.56 -1.06 -13.26
CA LEU A 184 8.52 0.39 -13.40
C LEU A 184 7.06 0.84 -13.46
N ARG A 185 6.26 0.14 -14.27
CA ARG A 185 4.85 0.45 -14.38
C ARG A 185 4.10 0.36 -13.04
N TRP A 186 4.48 -0.58 -12.18
CA TRP A 186 3.84 -0.74 -10.89
C TRP A 186 4.36 0.23 -9.80
N GLY A 187 5.46 0.93 -10.08
CA GLY A 187 6.11 1.73 -9.06
C GLY A 187 7.00 0.96 -8.08
N LEU A 188 7.33 -0.28 -8.44
CA LEU A 188 8.27 -1.09 -7.66
C LEU A 188 9.72 -0.60 -7.84
N ILE A 189 10.02 -0.03 -9.00
CA ILE A 189 11.36 0.52 -9.23
C ILE A 189 11.22 1.94 -9.78
N ASN A 190 12.30 2.72 -9.82
CA ASN A 190 12.17 4.15 -10.14
C ASN A 190 12.50 4.52 -11.57
N GLU A 191 13.31 3.68 -12.22
CA GLU A 191 13.75 4.02 -13.56
C GLU A 191 14.25 2.76 -14.27
N VAL A 192 14.08 2.77 -15.59
CA VAL A 192 14.60 1.72 -16.46
C VAL A 192 15.51 2.44 -17.45
N VAL A 193 16.74 1.95 -17.63
CA VAL A 193 17.76 2.59 -18.50
C VAL A 193 18.44 1.53 -19.38
N PRO A 194 19.20 1.95 -20.42
CA PRO A 194 19.86 0.94 -21.27
C PRO A 194 20.86 0.05 -20.51
N ASP A 195 20.97 -1.21 -20.93
CA ASP A 195 21.97 -2.11 -20.37
C ASP A 195 23.33 -1.45 -20.46
N GLY A 196 24.11 -1.59 -19.40
CA GLY A 196 25.42 -0.99 -19.37
C GLY A 196 25.47 0.40 -18.77
N THR A 197 24.32 1.02 -18.48
CA THR A 197 24.35 2.43 -18.02
C THR A 197 23.83 2.64 -16.63
N VAL A 198 23.54 1.54 -15.94
CA VAL A 198 22.85 1.58 -14.66
C VAL A 198 23.64 2.36 -13.56
N VAL A 199 24.97 2.24 -13.56
CA VAL A 199 25.78 2.92 -12.53
C VAL A 199 25.74 4.44 -12.72
N GLU A 200 25.89 4.91 -13.97
CA GLU A 200 25.82 6.35 -14.17
CA GLU A 200 25.75 6.34 -14.37
C GLU A 200 24.41 6.87 -13.89
N ALA A 201 23.38 6.12 -14.24
CA ALA A 201 22.00 6.53 -13.95
C ALA A 201 21.77 6.58 -12.43
N ALA A 202 22.37 5.64 -11.71
CA ALA A 202 22.20 5.60 -10.26
C ALA A 202 22.93 6.75 -9.61
N LEU A 203 24.14 7.04 -10.09
CA LEU A 203 24.86 8.19 -9.59
C LEU A 203 24.11 9.48 -9.87
N ALA A 204 23.51 9.60 -11.06
CA ALA A 204 22.70 10.78 -11.37
C ALA A 204 21.51 10.91 -10.40
N LEU A 205 20.85 9.79 -10.09
CA LEU A 205 19.78 9.83 -9.08
C LEU A 205 20.31 10.24 -7.70
N ALA A 206 21.44 9.64 -7.28
CA ALA A 206 22.08 10.02 -6.03
C ALA A 206 22.40 11.53 -5.93
N GLU A 207 22.85 12.12 -7.03
CA GLU A 207 23.23 13.53 -7.06
C GLU A 207 21.98 14.44 -6.91
N ARG A 208 20.81 13.90 -7.23
CA ARG A 208 19.53 14.59 -7.03
C ARG A 208 19.05 14.48 -5.57
N ILE A 209 19.85 13.80 -4.76
CA ILE A 209 19.55 13.60 -3.36
C ILE A 209 20.65 14.21 -2.50
N THR A 210 21.91 14.04 -2.92
CA THR A 210 23.04 14.62 -2.20
C THR A 210 23.18 16.13 -2.42
N CYS A 211 22.40 16.71 -3.34
CA CYS A 211 22.23 18.18 -3.42
C CYS A 211 21.38 18.75 -2.27
N ASN A 212 20.58 17.90 -1.62
CA ASN A 212 19.69 18.30 -0.54
C ASN A 212 20.39 18.23 0.81
N ALA A 213 19.79 18.85 1.83
CA ALA A 213 20.40 18.87 3.17
C ALA A 213 20.50 17.47 3.78
N PRO A 214 21.74 16.96 4.02
CA PRO A 214 21.90 15.54 4.40
C PRO A 214 21.15 15.14 5.67
N LEU A 215 21.14 15.98 6.71
CA LEU A 215 20.38 15.70 7.93
C LEU A 215 18.87 15.62 7.65
N SER A 216 18.39 16.39 6.68
CA SER A 216 16.98 16.39 6.29
C SER A 216 16.62 15.11 5.57
N VAL A 217 17.50 14.71 4.66
CA VAL A 217 17.27 13.52 3.86
C VAL A 217 17.22 12.30 4.81
N GLN A 218 18.19 12.27 5.72
CA GLN A 218 18.33 11.18 6.66
C GLN A 218 17.19 11.11 7.69
N ALA A 219 16.78 12.26 8.23
CA ALA A 219 15.61 12.33 9.14
C ALA A 219 14.36 11.89 8.42
N SER A 220 14.21 12.34 7.16
CA SER A 220 13.07 11.94 6.34
C SER A 220 13.08 10.42 6.13
N LYS A 221 14.26 9.85 5.86
CA LYS A 221 14.36 8.39 5.71
C LYS A 221 13.87 7.65 6.97
N ARG A 222 14.30 8.09 8.15
CA ARG A 222 13.85 7.44 9.40
C ARG A 222 12.35 7.59 9.61
N VAL A 223 11.79 8.79 9.38
CA VAL A 223 10.34 9.01 9.50
C VAL A 223 9.56 8.12 8.54
N ALA A 224 10.05 8.01 7.32
CA ALA A 224 9.36 7.27 6.26
C ALA A 224 9.27 5.79 6.59
N TYR A 225 10.34 5.25 7.15
CA TYR A 225 10.36 3.86 7.53
C TYR A 225 9.82 3.55 8.95
N GLY A 226 9.68 4.57 9.79
CA GLY A 226 9.35 4.36 11.20
C GLY A 226 10.50 3.73 11.95
N ALA A 227 11.73 4.15 11.59
CA ALA A 227 12.94 3.62 12.18
C ALA A 227 13.31 4.40 13.44
N ASP A 228 13.65 3.68 14.50
CA ASP A 228 14.07 4.30 15.77
C ASP A 228 15.32 3.56 16.20
N ASP A 229 16.43 4.28 16.42
CA ASP A 229 17.72 3.66 16.85
C ASP A 229 18.18 2.55 15.93
N GLY A 230 18.01 2.75 14.62
CA GLY A 230 18.43 1.78 13.62
C GLY A 230 17.56 0.53 13.48
N ILE A 231 16.37 0.56 14.07
CA ILE A 231 15.46 -0.59 14.07
C ILE A 231 14.08 -0.17 13.54
N ILE A 232 13.55 -0.92 12.57
CA ILE A 232 12.18 -0.72 12.15
C ILE A 232 11.30 -1.66 12.97
N GLY A 233 10.67 -1.09 13.99
CA GLY A 233 9.91 -1.86 14.98
C GLY A 233 8.86 -2.77 14.34
N ALA A 234 8.08 -2.22 13.42
CA ALA A 234 7.02 -2.96 12.76
C ALA A 234 7.52 -4.13 11.91
N GLU A 235 8.78 -4.10 11.46
CA GLU A 235 9.31 -5.24 10.70
C GLU A 235 9.83 -6.42 11.53
N GLU A 236 10.27 -6.16 12.76
CA GLU A 236 10.84 -7.20 13.59
C GLU A 236 9.91 -8.43 13.75
N PRO A 237 8.57 -8.22 13.94
CA PRO A 237 7.76 -9.45 14.00
C PRO A 237 7.69 -10.16 12.65
N LYS A 238 7.86 -9.43 11.57
CA LYS A 238 7.86 -10.08 10.26
C LYS A 238 9.11 -10.96 10.06
N TRP A 239 10.27 -10.45 10.50
CA TRP A 239 11.51 -11.22 10.56
C TRP A 239 11.34 -12.47 11.41
N GLU A 240 10.78 -12.32 12.62
CA GLU A 240 10.61 -13.48 13.52
C GLU A 240 9.72 -14.55 12.87
N ARG A 241 8.59 -14.13 12.29
CA ARG A 241 7.69 -15.01 11.56
C ARG A 241 8.40 -15.71 10.41
N THR A 242 9.19 -14.94 9.65
CA THR A 242 9.94 -15.52 8.53
C THR A 242 10.93 -16.58 9.00
N ILE A 243 11.75 -16.22 9.99
CA ILE A 243 12.75 -17.15 10.55
C ILE A 243 12.06 -18.43 11.05
N ARG A 244 10.98 -18.23 11.80
CA ARG A 244 10.18 -19.33 12.29
C ARG A 244 9.68 -20.24 11.13
N GLU A 245 9.10 -19.65 10.09
CA GLU A 245 8.54 -20.43 8.99
C GLU A 245 9.64 -21.19 8.24
N PHE A 246 10.75 -20.51 7.98
CA PHE A 246 11.89 -21.06 7.26
C PHE A 246 12.49 -22.27 7.99
N THR A 247 12.68 -22.14 9.30
CA THR A 247 13.23 -23.22 10.11
C THR A 247 12.39 -24.50 9.99
N GLU A 248 11.08 -24.36 10.18
CA GLU A 248 10.17 -25.50 10.09
C GLU A 248 10.24 -26.11 8.69
N LEU A 249 10.26 -25.25 7.67
CA LEU A 249 10.26 -25.68 6.28
C LEU A 249 11.43 -26.61 5.97
N LEU A 250 12.63 -26.25 6.45
CA LEU A 250 13.86 -27.05 6.29
C LEU A 250 13.83 -28.47 6.83
N LYS A 251 12.96 -28.74 7.81
CA LYS A 251 12.72 -30.10 8.27
C LYS A 251 12.06 -30.98 7.20
N SER A 252 11.45 -30.37 6.18
CA SER A 252 10.66 -31.14 5.20
C SER A 252 11.53 -31.89 4.18
N GLU A 253 11.00 -33.00 3.67
CA GLU A 253 11.63 -33.74 2.57
C GLU A 253 11.63 -32.93 1.28
N ASP A 254 10.58 -32.13 1.06
CA ASP A 254 10.47 -31.29 -0.13
C ASP A 254 11.58 -30.22 -0.21
N ALA A 255 11.93 -29.63 0.94
CA ALA A 255 13.05 -28.71 1.00
C ALA A 255 14.40 -29.37 0.66
N LYS A 256 14.51 -30.69 0.83
CA LYS A 256 15.71 -31.41 0.37
C LYS A 256 15.61 -31.72 -1.15
N GLU A 257 14.46 -32.23 -1.57
CA GLU A 257 14.17 -32.58 -2.97
C GLU A 257 14.34 -31.42 -3.96
N GLY A 258 13.84 -30.25 -3.58
CA GLY A 258 13.78 -29.11 -4.50
C GLY A 258 15.10 -28.66 -5.07
N PRO A 259 16.09 -28.38 -4.19
CA PRO A 259 17.45 -28.04 -4.64
C PRO A 259 18.09 -29.16 -5.45
N LEU A 260 17.86 -30.42 -5.02
CA LEU A 260 18.41 -31.60 -5.69
C LEU A 260 17.93 -31.75 -7.13
N ALA A 261 16.64 -31.49 -7.36
CA ALA A 261 16.06 -31.59 -8.69
C ALA A 261 16.68 -30.57 -9.65
N PHE A 262 16.75 -29.31 -9.20
CA PHE A 262 17.44 -28.24 -9.93
C PHE A 262 18.95 -28.53 -10.17
N ALA A 263 19.52 -29.41 -9.36
CA ALA A 263 20.91 -29.85 -9.50
C ALA A 263 21.06 -31.16 -10.28
N GLU A 264 20.04 -31.48 -11.09
CA GLU A 264 20.09 -32.61 -12.03
C GLU A 264 19.23 -32.24 -13.26
N LYS A 265 18.79 -30.97 -13.29
CA LYS A 265 17.93 -30.37 -14.35
C LYS A 265 16.58 -31.09 -14.60
N ARG A 266 16.31 -32.16 -13.83
CA ARG A 266 15.01 -32.83 -13.81
C ARG A 266 14.00 -32.06 -12.95
N GLN A 267 12.72 -32.25 -13.25
CA GLN A 267 11.63 -31.67 -12.47
C GLN A 267 11.60 -32.28 -11.06
N PRO A 268 11.23 -31.47 -10.04
CA PRO A 268 11.14 -32.01 -8.67
C PRO A 268 9.84 -32.77 -8.44
N VAL A 269 9.87 -33.71 -7.50
CA VAL A 269 8.68 -34.50 -7.15
C VAL A 269 8.29 -34.17 -5.72
N TRP A 270 7.23 -33.36 -5.59
CA TRP A 270 6.80 -32.84 -4.31
C TRP A 270 5.90 -33.84 -3.61
N LYS A 271 6.11 -34.03 -2.30
CA LYS A 271 5.30 -34.95 -1.52
C LYS A 271 4.37 -34.23 -0.53
N ALA A 272 4.55 -32.93 -0.35
CA ALA A 272 3.79 -32.15 0.65
C ALA A 272 4.12 -32.58 2.10
N ARG A 273 5.41 -32.84 2.32
CA ARG A 273 5.95 -33.23 3.61
C ARG A 273 7.46 -33.04 3.59
N THR B 13 -6.68 44.06 8.89
CA THR B 13 -8.11 43.93 9.31
C THR B 13 -8.84 42.74 8.67
N ARG B 14 -8.26 42.15 7.62
CA ARG B 14 -8.99 41.25 6.71
C ARG B 14 -9.19 39.82 7.20
N GLN B 15 -10.26 39.21 6.72
CA GLN B 15 -10.55 37.81 6.99
C GLN B 15 -9.62 36.91 6.12
N ALA B 16 -9.07 35.84 6.69
CA ALA B 16 -8.08 35.02 5.95
C ALA B 16 -8.66 33.77 5.24
N ALA B 17 -9.83 33.33 5.68
CA ALA B 17 -10.51 32.21 5.05
C ALA B 17 -12.03 32.43 5.00
N VAL B 18 -12.70 31.82 4.04
CA VAL B 18 -14.14 32.00 3.86
C VAL B 18 -14.83 30.65 3.97
N VAL B 19 -15.84 30.57 4.85
CA VAL B 19 -16.56 29.33 5.10
C VAL B 19 -18.00 29.49 4.70
N GLU B 20 -18.49 28.60 3.85
CA GLU B 20 -19.87 28.66 3.41
C GLU B 20 -20.48 27.27 3.28
N ARG B 21 -21.81 27.26 3.17
CA ARG B 21 -22.58 26.04 2.97
C ARG B 21 -23.22 26.00 1.59
N ARG B 22 -23.03 24.88 0.89
CA ARG B 22 -23.70 24.63 -0.40
C ARG B 22 -24.47 23.34 -0.23
N GLY B 23 -25.79 23.42 0.01
CA GLY B 23 -26.55 22.19 0.26
C GLY B 23 -26.01 21.53 1.52
N ASN B 24 -25.69 20.25 1.47
CA ASN B 24 -25.10 19.54 2.62
C ASN B 24 -23.56 19.56 2.65
N VAL B 25 -22.95 20.46 1.88
CA VAL B 25 -21.50 20.52 1.79
C VAL B 25 -21.03 21.84 2.42
N ALA B 26 -19.99 21.75 3.24
CA ALA B 26 -19.31 22.90 3.77
C ALA B 26 -18.13 23.17 2.84
N LEU B 27 -18.02 24.40 2.35
CA LEU B 27 -16.94 24.79 1.42
C LEU B 27 -16.03 25.74 2.15
N ILE B 28 -14.73 25.42 2.19
CA ILE B 28 -13.75 26.27 2.85
C ILE B 28 -12.73 26.79 1.83
N THR B 29 -12.50 28.10 1.83
CA THR B 29 -11.59 28.73 0.88
C THR B 29 -10.54 29.51 1.64
N ILE B 30 -9.28 29.12 1.49
CA ILE B 30 -8.15 29.90 2.00
C ILE B 30 -8.08 31.12 1.06
N ASP B 31 -8.12 32.31 1.65
CA ASP B 31 -8.31 33.53 0.88
C ASP B 31 -7.20 34.53 1.18
N ARG B 32 -5.97 34.12 0.84
CA ARG B 32 -4.80 34.99 0.89
C ARG B 32 -4.05 34.95 -0.43
N PRO B 33 -4.73 35.24 -1.55
CA PRO B 33 -4.09 34.92 -2.83
C PRO B 33 -2.79 35.72 -3.12
N ASP B 34 -2.69 36.94 -2.57
CA ASP B 34 -1.43 37.70 -2.62
C ASP B 34 -0.28 37.03 -1.85
N ALA B 35 -0.59 36.22 -0.84
CA ALA B 35 0.45 35.45 -0.14
C ALA B 35 0.50 33.99 -0.65
N ARG B 36 -0.03 33.79 -1.86
CA ARG B 36 -0.17 32.46 -2.48
C ARG B 36 -0.80 31.44 -1.53
N ASN B 37 -1.77 31.93 -0.76
CA ASN B 37 -2.58 31.10 0.12
C ASN B 37 -1.76 30.35 1.17
N ALA B 38 -0.65 30.97 1.56
CA ALA B 38 0.17 30.52 2.69
C ALA B 38 -0.63 30.57 4.01
N VAL B 39 -0.34 29.62 4.89
CA VAL B 39 -1.05 29.48 6.15
C VAL B 39 -0.40 30.27 7.30
N ASN B 40 -1.17 31.17 7.92
CA ASN B 40 -0.78 31.77 9.19
C ASN B 40 -1.75 31.34 10.32
N GLY B 41 -1.60 31.93 11.51
CA GLY B 41 -2.49 31.69 12.66
C GLY B 41 -3.96 31.93 12.37
N ALA B 42 -4.27 33.00 11.63
CA ALA B 42 -5.65 33.29 11.26
C ALA B 42 -6.24 32.19 10.36
N VAL B 43 -5.56 31.80 9.28
CA VAL B 43 -6.00 30.65 8.50
C VAL B 43 -6.25 29.39 9.36
N SER B 44 -5.31 29.01 10.23
CA SER B 44 -5.43 27.74 10.97
C SER B 44 -6.64 27.76 11.92
N THR B 45 -6.86 28.92 12.54
CA THR B 45 -7.95 29.11 13.47
C THR B 45 -9.28 29.01 12.71
N ALA B 46 -9.38 29.69 11.56
CA ALA B 46 -10.64 29.64 10.78
C ALA B 46 -10.87 28.26 10.18
N VAL B 47 -9.82 27.65 9.64
CA VAL B 47 -9.94 26.29 9.05
C VAL B 47 -10.24 25.20 10.12
N GLY B 48 -9.51 25.23 11.23
CA GLY B 48 -9.82 24.36 12.35
C GLY B 48 -11.26 24.50 12.84
N ASP B 49 -11.69 25.75 13.09
CA ASP B 49 -13.09 25.98 13.52
C ASP B 49 -14.11 25.41 12.56
N ALA B 50 -13.89 25.61 11.26
CA ALA B 50 -14.82 25.15 10.24
C ALA B 50 -14.93 23.63 10.24
N LEU B 51 -13.82 22.93 10.43
CA LEU B 51 -13.81 21.46 10.53
C LEU B 51 -14.59 20.98 11.75
N GLU B 52 -14.30 21.57 12.91
CA GLU B 52 -15.01 21.26 14.15
C GLU B 52 -16.53 21.51 13.99
N GLU B 53 -16.88 22.62 13.37
CA GLU B 53 -18.28 22.93 13.08
C GLU B 53 -18.90 21.90 12.11
N ALA B 54 -18.18 21.55 11.03
CA ALA B 54 -18.63 20.49 10.12
C ALA B 54 -18.85 19.16 10.83
N GLN B 55 -17.98 18.86 11.80
CA GLN B 55 -18.13 17.69 12.64
C GLN B 55 -19.41 17.73 13.52
N ARG B 56 -19.67 18.87 14.16
CA ARG B 56 -20.75 19.04 15.14
C ARG B 56 -22.13 19.02 14.44
N ASP B 57 -22.18 19.56 13.22
CA ASP B 57 -23.43 19.81 12.52
C ASP B 57 -23.92 18.60 11.74
N PRO B 58 -25.02 17.95 12.19
CA PRO B 58 -25.51 16.72 11.52
C PRO B 58 -25.92 16.89 10.04
N GLU B 59 -26.13 18.13 9.59
CA GLU B 59 -26.52 18.38 8.20
C GLU B 59 -25.32 18.59 7.28
N VAL B 60 -24.12 18.68 7.86
CA VAL B 60 -22.93 18.78 7.04
C VAL B 60 -22.45 17.35 6.72
N TRP B 61 -22.53 16.98 5.44
CA TRP B 61 -22.25 15.59 5.05
C TRP B 61 -20.97 15.40 4.27
N ALA B 62 -20.36 16.52 3.91
CA ALA B 62 -19.06 16.52 3.26
C ALA B 62 -18.41 17.91 3.37
N VAL B 63 -17.09 17.94 3.20
CA VAL B 63 -16.31 19.19 3.26
C VAL B 63 -15.40 19.30 2.04
N VAL B 64 -15.30 20.52 1.51
CA VAL B 64 -14.36 20.80 0.41
C VAL B 64 -13.46 21.92 0.89
N ILE B 65 -12.16 21.79 0.67
CA ILE B 65 -11.24 22.89 0.93
C ILE B 65 -10.48 23.28 -0.36
N THR B 66 -10.30 24.59 -0.58
CA THR B 66 -9.66 25.16 -1.76
C THR B 66 -8.90 26.46 -1.42
N GLY B 67 -8.02 26.89 -2.31
CA GLY B 67 -7.39 28.22 -2.21
C GLY B 67 -8.00 29.19 -3.22
N ALA B 68 -8.01 30.48 -2.90
CA ALA B 68 -8.50 31.47 -3.86
C ALA B 68 -7.60 31.56 -5.09
N GLY B 69 -8.24 31.77 -6.24
CA GLY B 69 -7.50 32.08 -7.45
C GLY B 69 -7.02 30.84 -8.16
N ASP B 70 -6.12 31.03 -9.12
CA ASP B 70 -5.68 29.92 -9.98
C ASP B 70 -4.18 29.68 -9.97
N LYS B 71 -3.47 30.28 -9.03
CA LYS B 71 -2.02 30.15 -9.00
C LYS B 71 -1.54 29.17 -7.94
N SER B 72 -2.17 29.24 -6.77
CA SER B 72 -1.69 28.51 -5.62
C SER B 72 -2.85 27.96 -4.80
N PHE B 73 -2.82 26.64 -4.61
CA PHE B 73 -3.74 25.99 -3.68
C PHE B 73 -3.33 26.43 -2.27
N CYS B 74 -2.06 26.26 -1.97
CA CYS B 74 -1.51 26.63 -0.67
C CYS B 74 -0.01 26.53 -0.77
N ALA B 75 0.65 27.63 -0.47
CA ALA B 75 2.11 27.74 -0.54
C ALA B 75 2.81 27.11 0.65
N GLY B 76 2.09 26.63 1.66
CA GLY B 76 2.72 26.13 2.88
C GLY B 76 2.62 27.15 4.02
N ALA B 77 3.56 27.06 4.96
CA ALA B 77 3.61 27.95 6.10
C ALA B 77 4.01 29.35 5.66
N ASP B 78 3.34 30.36 6.23
CA ASP B 78 3.68 31.76 5.95
C ASP B 78 5.07 32.13 6.52
N LEU B 79 6.05 32.38 5.64
CA LEU B 79 7.45 32.59 6.06
C LEU B 79 7.67 33.92 6.78
N LYS B 80 6.88 34.94 6.43
CA LYS B 80 6.89 36.22 7.13
C LYS B 80 6.42 36.06 8.58
N ALA B 81 5.27 35.40 8.75
CA ALA B 81 4.74 35.10 10.08
C ALA B 81 5.75 34.34 10.94
N ILE B 82 6.45 33.39 10.32
CA ILE B 82 7.47 32.61 11.03
C ILE B 82 8.63 33.51 11.43
N SER B 83 9.03 34.39 10.52
CA SER B 83 10.19 35.24 10.76
C SER B 83 9.84 36.29 11.82
N ARG B 84 8.56 36.64 11.91
CA ARG B 84 8.05 37.51 12.95
C ARG B 84 7.78 36.80 14.29
N GLY B 85 8.06 35.49 14.39
CA GLY B 85 7.86 34.72 15.63
C GLY B 85 6.40 34.44 15.99
N GLU B 86 5.51 34.62 15.02
CA GLU B 86 4.08 34.38 15.23
C GLU B 86 3.76 32.90 15.43
N ASN B 87 2.62 32.64 16.04
CA ASN B 87 2.07 31.29 16.17
C ASN B 87 1.28 30.98 14.89
N LEU B 88 1.53 29.81 14.30
CA LEU B 88 0.95 29.46 13.01
C LEU B 88 -0.22 28.49 13.11
N TYR B 89 -0.50 28.05 14.34
CA TYR B 89 -1.50 27.03 14.63
C TYR B 89 -2.76 27.63 15.16
N HIS B 90 -3.82 26.83 15.26
CA HIS B 90 -5.07 27.28 15.83
C HIS B 90 -4.71 27.67 17.27
N ALA B 91 -5.15 28.86 17.71
CA ALA B 91 -4.78 29.44 19.00
C ALA B 91 -5.18 28.58 20.18
N GLU B 92 -6.32 27.90 20.07
CA GLU B 92 -6.79 27.01 21.13
C GLU B 92 -6.41 25.55 20.91
N HIS B 93 -6.04 25.20 19.69
CA HIS B 93 -5.84 23.78 19.39
C HIS B 93 -4.58 23.43 18.60
N PRO B 94 -3.39 23.62 19.23
CA PRO B 94 -2.13 23.27 18.54
C PRO B 94 -2.14 21.80 18.08
N GLU B 95 -2.87 20.94 18.78
CA GLU B 95 -2.85 19.50 18.49
C GLU B 95 -3.41 19.20 17.10
N TRP B 96 -4.19 20.13 16.53
CA TRP B 96 -4.70 19.96 15.19
C TRP B 96 -3.60 20.12 14.14
N GLY B 97 -2.48 20.71 14.53
CA GLY B 97 -1.36 20.85 13.60
C GLY B 97 -1.57 21.87 12.49
N PHE B 98 -0.77 21.74 11.43
CA PHE B 98 -0.73 22.70 10.34
C PHE B 98 -2.12 23.03 9.79
N ALA B 99 -2.40 24.33 9.67
CA ALA B 99 -3.69 24.83 9.16
C ALA B 99 -4.93 24.38 9.94
N GLY B 100 -4.73 23.88 11.16
CA GLY B 100 -5.86 23.35 11.96
C GLY B 100 -6.44 22.11 11.30
N TYR B 101 -5.67 21.49 10.41
CA TYR B 101 -6.24 20.54 9.43
C TYR B 101 -5.64 19.15 9.43
N VAL B 102 -4.31 19.05 9.51
CA VAL B 102 -3.61 17.81 9.17
C VAL B 102 -3.71 16.73 10.25
N HIS B 103 -3.97 17.15 11.51
CA HIS B 103 -4.15 16.23 12.66
C HIS B 103 -5.51 16.51 13.34
N HIS B 104 -6.56 16.41 12.54
CA HIS B 104 -7.87 16.83 12.98
C HIS B 104 -8.89 15.94 12.30
N PHE B 105 -8.98 14.70 12.77
CA PHE B 105 -9.87 13.74 12.10
C PHE B 105 -11.32 14.17 12.33
N ILE B 106 -12.14 14.20 11.28
CA ILE B 106 -13.59 14.34 11.46
C ILE B 106 -14.32 13.24 10.72
N ASP B 107 -15.54 12.93 11.15
CA ASP B 107 -16.40 11.92 10.54
C ASP B 107 -16.77 12.26 9.09
N LYS B 108 -16.83 13.55 8.75
CA LYS B 108 -17.33 13.96 7.42
C LYS B 108 -16.22 13.83 6.35
N PRO B 109 -16.55 13.27 5.18
CA PRO B 109 -15.52 13.20 4.12
C PRO B 109 -14.99 14.60 3.73
N THR B 110 -13.70 14.67 3.48
CA THR B 110 -13.06 15.90 3.03
C THR B 110 -12.44 15.77 1.64
N ILE B 111 -12.65 16.81 0.83
CA ILE B 111 -12.12 16.86 -0.53
C ILE B 111 -11.22 18.08 -0.69
N ALA B 112 -9.98 17.85 -1.08
CA ALA B 112 -9.08 18.93 -1.43
C ALA B 112 -9.30 19.29 -2.89
N ALA B 113 -9.76 20.50 -3.14
CA ALA B 113 -9.93 21.03 -4.49
C ALA B 113 -8.70 21.86 -4.84
N VAL B 114 -7.72 21.22 -5.46
CA VAL B 114 -6.38 21.81 -5.62
C VAL B 114 -6.37 22.69 -6.87
N ASN B 115 -6.47 24.00 -6.64
CA ASN B 115 -6.73 25.02 -7.67
C ASN B 115 -5.47 25.55 -8.35
N GLY B 116 -4.31 25.15 -7.82
CA GLY B 116 -3.02 25.52 -8.40
C GLY B 116 -1.90 24.79 -7.66
N THR B 117 -0.74 25.43 -7.63
CA THR B 117 0.45 24.83 -7.02
C THR B 117 0.22 24.41 -5.54
N ALA B 118 0.76 23.24 -5.18
CA ALA B 118 0.50 22.63 -3.88
C ALA B 118 1.72 21.87 -3.39
N LEU B 119 2.82 22.60 -3.24
CA LEU B 119 4.08 22.04 -2.74
C LEU B 119 4.14 22.18 -1.22
N GLY B 120 4.84 21.28 -0.54
CA GLY B 120 5.06 21.43 0.89
C GLY B 120 3.79 21.25 1.70
N GLY B 121 3.54 22.20 2.59
CA GLY B 121 2.30 22.25 3.34
C GLY B 121 1.05 22.00 2.50
N GLY B 122 1.02 22.50 1.27
CA GLY B 122 -0.13 22.27 0.38
C GLY B 122 -0.38 20.82 0.03
N SER B 123 0.71 20.10 -0.25
CA SER B 123 0.64 18.66 -0.45
C SER B 123 0.24 17.94 0.82
N GLU B 124 0.66 18.44 1.97
CA GLU B 124 0.23 17.86 3.26
C GLU B 124 -1.29 17.95 3.52
N LEU B 125 -1.90 19.09 3.13
CA LEU B 125 -3.38 19.21 3.14
C LEU B 125 -4.06 18.17 2.24
N ALA B 126 -3.52 18.00 1.04
CA ALA B 126 -4.03 16.97 0.11
C ALA B 126 -3.91 15.58 0.71
N LEU B 127 -2.74 15.26 1.25
CA LEU B 127 -2.49 13.98 1.90
C LEU B 127 -3.42 13.72 3.10
N ALA B 128 -3.66 14.75 3.91
CA ALA B 128 -4.60 14.66 5.01
C ALA B 128 -6.07 14.54 4.62
N SER B 129 -6.40 14.97 3.40
CA SER B 129 -7.79 14.88 2.93
C SER B 129 -8.13 13.45 2.50
N ASP B 130 -9.41 13.13 2.45
CA ASP B 130 -9.88 11.83 1.91
C ASP B 130 -9.81 11.66 0.41
N LEU B 131 -10.11 12.75 -0.31
CA LEU B 131 -10.14 12.73 -1.78
C LEU B 131 -9.47 14.00 -2.32
N VAL B 132 -9.02 13.98 -3.56
CA VAL B 132 -8.30 15.12 -4.17
C VAL B 132 -8.67 15.26 -5.65
N ILE B 133 -9.05 16.48 -6.02
CA ILE B 133 -9.25 16.86 -7.43
C ILE B 133 -8.27 18.02 -7.67
N ALA B 134 -7.52 17.92 -8.76
CA ALA B 134 -6.53 18.91 -9.08
C ALA B 134 -6.76 19.48 -10.49
N CYS B 135 -6.42 20.76 -10.67
CA CYS B 135 -6.39 21.35 -11.99
CA CYS B 135 -6.34 21.40 -11.97
C CYS B 135 -5.12 20.88 -12.70
N GLU B 136 -5.15 20.99 -14.03
CA GLU B 136 -4.06 20.52 -14.87
C GLU B 136 -2.71 21.12 -14.51
N SER B 137 -2.70 22.39 -14.14
CA SER B 137 -1.44 23.05 -13.82
CA SER B 137 -1.45 23.06 -13.82
C SER B 137 -1.00 22.86 -12.37
N ALA B 138 -1.74 22.08 -11.59
CA ALA B 138 -1.34 21.80 -10.21
C ALA B 138 -0.13 20.84 -10.19
N SER B 139 0.62 20.88 -9.09
CA SER B 139 1.71 19.94 -8.86
C SER B 139 1.84 19.72 -7.36
N PHE B 140 2.44 18.59 -7.00
CA PHE B 140 2.57 18.16 -5.61
C PHE B 140 4.04 17.87 -5.35
N GLY B 141 4.41 17.91 -4.09
CA GLY B 141 5.79 17.63 -3.73
C GLY B 141 6.08 18.05 -2.32
N LEU B 142 7.20 17.55 -1.80
CA LEU B 142 7.68 17.88 -0.46
C LEU B 142 9.13 18.39 -0.57
N PRO B 143 9.31 19.67 -0.95
CA PRO B 143 10.68 20.21 -1.17
C PRO B 143 11.46 20.57 0.11
N GLU B 144 10.90 20.26 1.27
CA GLU B 144 11.51 20.61 2.54
C GLU B 144 12.97 20.19 2.67
N VAL B 145 13.32 19.01 2.16
CA VAL B 145 14.72 18.54 2.16
C VAL B 145 15.72 19.49 1.47
N LYS B 146 15.25 20.24 0.46
CA LYS B 146 16.04 21.31 -0.16
C LYS B 146 16.17 22.54 0.74
N ARG B 147 15.37 22.63 1.80
CA ARG B 147 15.42 23.84 2.66
C ARG B 147 16.11 23.56 3.99
N GLY B 148 16.65 22.35 4.17
CA GLY B 148 17.22 21.96 5.47
C GLY B 148 16.24 21.58 6.56
N LEU B 149 15.00 21.32 6.16
CA LEU B 149 13.90 21.01 7.08
C LEU B 149 13.33 19.62 6.69
N ILE B 150 12.16 19.23 7.23
CA ILE B 150 11.43 18.06 6.70
C ILE B 150 9.94 18.39 6.63
N ALA B 151 9.16 17.56 5.96
CA ALA B 151 7.71 17.75 5.94
C ALA B 151 7.16 17.19 7.26
N GLY B 152 7.06 18.07 8.23
CA GLY B 152 6.66 17.70 9.59
C GLY B 152 5.16 17.79 9.83
N ALA B 153 4.38 18.10 8.81
CA ALA B 153 2.92 18.09 8.97
C ALA B 153 2.27 16.83 8.40
N GLY B 154 2.96 15.70 8.56
CA GLY B 154 2.42 14.39 8.15
C GLY B 154 2.83 13.94 6.76
N GLY B 155 3.48 14.83 6.00
CA GLY B 155 3.84 14.51 4.61
C GLY B 155 4.74 13.28 4.39
N VAL B 156 5.81 13.15 5.16
CA VAL B 156 6.73 12.04 4.97
C VAL B 156 6.07 10.68 5.24
N PHE B 157 5.43 10.52 6.39
CA PHE B 157 4.78 9.21 6.66
C PHE B 157 3.49 8.95 5.87
N ARG B 158 2.78 9.99 5.45
CA ARG B 158 1.55 9.71 4.69
C ARG B 158 1.83 9.48 3.19
N ILE B 159 2.83 10.16 2.63
CA ILE B 159 3.14 9.96 1.20
C ILE B 159 3.52 8.50 0.89
N VAL B 160 4.28 7.86 1.80
CA VAL B 160 4.68 6.46 1.58
C VAL B 160 3.53 5.46 1.67
N GLU B 161 2.39 5.90 2.19
CA GLU B 161 1.17 5.08 2.22
C GLU B 161 0.30 5.32 1.02
N GLN B 162 0.52 6.45 0.34
CA GLN B 162 -0.45 6.89 -0.68
C GLN B 162 0.11 6.87 -2.09
N LEU B 163 1.38 6.51 -2.21
CA LEU B 163 2.03 6.22 -3.48
C LEU B 163 2.81 4.91 -3.27
N PRO B 164 3.15 4.21 -4.36
CA PRO B 164 4.04 3.05 -4.20
C PRO B 164 5.29 3.44 -3.47
N ARG B 165 5.76 2.60 -2.56
CA ARG B 165 6.86 2.94 -1.70
C ARG B 165 8.08 3.54 -2.42
N LYS B 166 8.55 2.90 -3.50
CA LYS B 166 9.76 3.41 -4.17
C LYS B 166 9.53 4.81 -4.74
N VAL B 167 8.33 5.03 -5.30
CA VAL B 167 7.94 6.31 -5.88
C VAL B 167 7.80 7.39 -4.79
N ALA B 168 7.16 7.02 -3.68
CA ALA B 168 7.08 7.93 -2.53
C ALA B 168 8.48 8.34 -2.04
N LEU B 169 9.36 7.38 -1.79
CA LEU B 169 10.71 7.70 -1.29
C LEU B 169 11.49 8.59 -2.28
N GLU B 170 11.36 8.35 -3.58
CA GLU B 170 11.99 9.24 -4.54
C GLU B 170 11.50 10.68 -4.33
N LEU B 171 10.20 10.84 -4.22
CA LEU B 171 9.62 12.17 -4.02
C LEU B 171 10.17 12.79 -2.72
N VAL B 172 10.20 11.99 -1.64
CA VAL B 172 10.60 12.47 -0.32
C VAL B 172 12.08 12.85 -0.32
N LEU B 173 12.93 11.99 -0.87
CA LEU B 173 14.39 12.15 -0.76
C LEU B 173 15.00 13.11 -1.79
N THR B 174 14.41 13.25 -2.97
CA THR B 174 14.88 14.24 -3.94
C THR B 174 14.25 15.61 -3.70
N GLY B 175 13.07 15.61 -3.08
CA GLY B 175 12.27 16.84 -2.92
C GLY B 175 11.73 17.42 -4.21
N GLU B 176 11.77 16.63 -5.29
CA GLU B 176 11.28 17.03 -6.63
C GLU B 176 9.76 16.93 -6.77
N PRO B 177 9.16 17.80 -7.60
CA PRO B 177 7.70 17.85 -7.66
C PRO B 177 7.09 16.75 -8.54
N MET B 178 5.79 16.48 -8.38
CA MET B 178 5.06 15.51 -9.21
C MET B 178 3.89 16.24 -9.88
N THR B 179 3.71 16.05 -11.19
CA THR B 179 2.62 16.73 -11.87
C THR B 179 1.26 16.15 -11.48
N ALA B 180 0.20 16.95 -11.64
CA ALA B 180 -1.17 16.48 -11.43
C ALA B 180 -1.44 15.20 -12.24
N SER B 181 -0.97 15.18 -13.48
CA SER B 181 -1.20 14.05 -14.37
C SER B 181 -0.57 12.73 -13.87
N ASP B 182 0.68 12.79 -13.42
CA ASP B 182 1.34 11.63 -12.83
C ASP B 182 0.72 11.25 -11.49
N ALA B 183 0.29 12.23 -10.69
CA ALA B 183 -0.42 11.94 -9.44
C ALA B 183 -1.71 11.15 -9.71
N LEU B 184 -2.40 11.46 -10.81
CA LEU B 184 -3.63 10.79 -11.17
C LEU B 184 -3.35 9.35 -11.60
N ARG B 185 -2.34 9.19 -12.45
CA ARG B 185 -1.89 7.90 -12.93
C ARG B 185 -1.52 6.93 -11.77
N TRP B 186 -0.83 7.42 -10.75
CA TRP B 186 -0.50 6.62 -9.57
C TRP B 186 -1.68 6.37 -8.61
N GLY B 187 -2.77 7.13 -8.74
CA GLY B 187 -3.90 7.04 -7.81
C GLY B 187 -3.68 7.83 -6.53
N LEU B 188 -2.73 8.78 -6.54
CA LEU B 188 -2.57 9.73 -5.43
C LEU B 188 -3.74 10.72 -5.34
N ILE B 189 -4.29 11.10 -6.50
CA ILE B 189 -5.44 11.98 -6.53
C ILE B 189 -6.56 11.32 -7.34
N ASN B 190 -7.77 11.89 -7.33
CA ASN B 190 -8.93 11.22 -7.91
C ASN B 190 -9.33 11.70 -9.29
N GLU B 191 -9.01 12.95 -9.60
CA GLU B 191 -9.44 13.57 -10.85
C GLU B 191 -8.58 14.79 -11.19
N VAL B 192 -8.31 14.97 -12.50
CA VAL B 192 -7.66 16.15 -13.07
C VAL B 192 -8.66 16.87 -13.98
N VAL B 193 -8.83 18.18 -13.74
CA VAL B 193 -9.81 18.97 -14.48
C VAL B 193 -9.14 20.22 -15.03
N PRO B 194 -9.77 20.88 -16.03
CA PRO B 194 -9.18 22.13 -16.55
C PRO B 194 -9.02 23.21 -15.47
N ASP B 195 -7.96 24.01 -15.59
CA ASP B 195 -7.69 25.14 -14.68
C ASP B 195 -8.93 26.01 -14.50
N GLY B 196 -9.16 26.47 -13.29
CA GLY B 196 -10.29 27.31 -13.03
C GLY B 196 -11.58 26.60 -12.70
N THR B 197 -11.66 25.28 -12.91
CA THR B 197 -12.91 24.53 -12.69
C THR B 197 -12.87 23.56 -11.50
N VAL B 198 -11.87 23.67 -10.64
CA VAL B 198 -11.72 22.68 -9.54
C VAL B 198 -12.87 22.67 -8.49
N VAL B 199 -13.43 23.84 -8.17
CA VAL B 199 -14.49 23.93 -7.18
C VAL B 199 -15.82 23.26 -7.63
N GLU B 200 -16.25 23.55 -8.87
CA GLU B 200 -17.40 22.87 -9.43
C GLU B 200 -17.17 21.36 -9.47
N ALA B 201 -15.96 20.95 -9.84
CA ALA B 201 -15.64 19.55 -9.89
C ALA B 201 -15.64 18.86 -8.52
N ALA B 202 -15.09 19.54 -7.50
CA ALA B 202 -15.09 19.06 -6.12
C ALA B 202 -16.52 18.94 -5.55
N LEU B 203 -17.37 19.92 -5.83
CA LEU B 203 -18.76 19.88 -5.42
C LEU B 203 -19.52 18.75 -6.13
N ALA B 204 -19.20 18.48 -7.40
CA ALA B 204 -19.84 17.36 -8.09
C ALA B 204 -19.41 16.04 -7.49
N LEU B 205 -18.13 15.92 -7.15
CA LEU B 205 -17.66 14.72 -6.43
C LEU B 205 -18.38 14.59 -5.09
N ALA B 206 -18.46 15.71 -4.35
CA ALA B 206 -19.19 15.76 -3.08
C ALA B 206 -20.63 15.32 -3.25
N GLU B 207 -21.29 15.70 -4.33
CA GLU B 207 -22.71 15.35 -4.48
C GLU B 207 -22.87 13.83 -4.70
N ARG B 208 -21.80 13.20 -5.19
CA ARG B 208 -21.80 11.74 -5.38
C ARG B 208 -21.58 11.02 -4.06
N ILE B 209 -21.38 11.79 -2.99
CA ILE B 209 -21.22 11.24 -1.66
C ILE B 209 -22.40 11.62 -0.73
N THR B 210 -22.83 12.88 -0.78
CA THR B 210 -23.98 13.34 0.00
C THR B 210 -25.31 12.73 -0.43
N CYS B 211 -25.34 12.09 -1.59
CA CYS B 211 -26.53 11.32 -2.01
C CYS B 211 -26.68 10.01 -1.19
N ASN B 212 -25.58 9.58 -0.57
CA ASN B 212 -25.53 8.32 0.18
C ASN B 212 -25.89 8.53 1.66
N ALA B 213 -26.25 7.45 2.38
CA ALA B 213 -26.63 7.60 3.80
C ALA B 213 -25.48 8.19 4.62
N PRO B 214 -25.72 9.34 5.27
CA PRO B 214 -24.64 10.06 5.92
C PRO B 214 -23.96 9.22 7.03
N LEU B 215 -24.73 8.51 7.85
CA LEU B 215 -24.14 7.66 8.88
C LEU B 215 -23.28 6.53 8.32
N SER B 216 -23.66 6.00 7.13
CA SER B 216 -22.90 4.93 6.45
C SER B 216 -21.54 5.42 5.94
N VAL B 217 -21.61 6.55 5.25
CA VAL B 217 -20.44 7.20 4.71
C VAL B 217 -19.46 7.47 5.86
N GLN B 218 -19.94 8.03 6.96
CA GLN B 218 -19.06 8.42 8.07
C GLN B 218 -18.48 7.20 8.83
N ALA B 219 -19.30 6.18 9.07
CA ALA B 219 -18.83 4.93 9.65
C ALA B 219 -17.80 4.27 8.73
N SER B 220 -18.04 4.34 7.41
CA SER B 220 -17.08 3.77 6.45
C SER B 220 -15.75 4.48 6.52
N LYS B 221 -15.80 5.81 6.67
CA LYS B 221 -14.58 6.59 6.84
C LYS B 221 -13.79 6.14 8.07
N ARG B 222 -14.49 5.99 9.19
CA ARG B 222 -13.86 5.52 10.46
C ARG B 222 -13.21 4.15 10.33
N VAL B 223 -13.93 3.21 9.74
CA VAL B 223 -13.36 1.85 9.50
C VAL B 223 -12.16 1.92 8.55
N ALA B 224 -12.26 2.73 7.49
CA ALA B 224 -11.21 2.79 6.47
C ALA B 224 -9.90 3.31 7.06
N TYR B 225 -9.99 4.27 7.99
CA TYR B 225 -8.80 4.81 8.67
C TYR B 225 -8.37 4.08 9.95
N GLY B 226 -9.23 3.21 10.49
CA GLY B 226 -9.01 2.64 11.84
C GLY B 226 -9.11 3.70 12.91
N ALA B 227 -10.10 4.59 12.80
CA ALA B 227 -10.27 5.68 13.77
C ALA B 227 -11.23 5.25 14.88
N ASP B 228 -10.83 5.46 16.13
CA ASP B 228 -11.66 5.20 17.32
C ASP B 228 -11.66 6.50 18.14
N ASP B 229 -12.85 6.96 18.52
CA ASP B 229 -13.03 8.22 19.27
C ASP B 229 -12.22 9.39 18.67
N GLY B 230 -12.23 9.50 17.34
CA GLY B 230 -11.53 10.57 16.65
C GLY B 230 -10.01 10.49 16.55
N ILE B 231 -9.42 9.36 16.92
CA ILE B 231 -7.97 9.19 16.90
C ILE B 231 -7.65 8.02 15.98
N ILE B 232 -6.71 8.24 15.07
CA ILE B 232 -6.12 7.13 14.31
C ILE B 232 -4.93 6.59 15.13
N GLY B 233 -5.20 5.59 15.96
CA GLY B 233 -4.18 4.95 16.81
C GLY B 233 -2.85 4.70 16.12
N ALA B 234 -2.88 4.12 14.92
CA ALA B 234 -1.68 3.76 14.18
C ALA B 234 -0.81 4.96 13.74
N GLU B 235 -1.42 6.13 13.58
CA GLU B 235 -0.63 7.33 13.24
C GLU B 235 0.04 8.08 14.40
N GLU B 236 -0.43 7.89 15.64
CA GLU B 236 0.13 8.63 16.76
C GLU B 236 1.67 8.48 16.94
N PRO B 237 2.20 7.23 16.87
CA PRO B 237 3.66 7.09 17.00
C PRO B 237 4.41 7.73 15.83
N LYS B 238 3.76 7.80 14.67
CA LYS B 238 4.36 8.46 13.50
C LYS B 238 4.41 9.96 13.69
N TRP B 239 3.33 10.55 14.21
CA TRP B 239 3.37 11.95 14.67
C TRP B 239 4.49 12.19 15.68
N GLU B 240 4.56 11.35 16.73
CA GLU B 240 5.61 11.49 17.75
C GLU B 240 7.02 11.44 17.16
N ARG B 241 7.24 10.47 16.28
CA ARG B 241 8.52 10.33 15.57
C ARG B 241 8.83 11.58 14.74
N THR B 242 7.83 12.05 13.99
CA THR B 242 7.99 13.25 13.18
C THR B 242 8.41 14.47 14.03
N ILE B 243 7.71 14.68 15.15
CA ILE B 243 7.98 15.80 16.07
C ILE B 243 9.37 15.68 16.69
N ARG B 244 9.73 14.47 17.07
CA ARG B 244 11.03 14.26 17.64
C ARG B 244 12.15 14.58 16.62
N GLU B 245 12.00 14.07 15.40
CA GLU B 245 12.97 14.32 14.33
C GLU B 245 13.07 15.82 13.94
N PHE B 246 11.91 16.44 13.72
CA PHE B 246 11.82 17.88 13.41
C PHE B 246 12.55 18.72 14.49
N THR B 247 12.23 18.46 15.76
CA THR B 247 12.79 19.22 16.89
C THR B 247 14.32 19.16 16.88
N GLU B 248 14.87 17.95 16.75
CA GLU B 248 16.31 17.77 16.69
C GLU B 248 16.94 18.48 15.47
N LEU B 249 16.26 18.40 14.32
CA LEU B 249 16.76 18.99 13.08
C LEU B 249 16.90 20.52 13.14
N LEU B 250 15.93 21.20 13.77
CA LEU B 250 15.95 22.65 13.94
C LEU B 250 17.17 23.18 14.65
N LYS B 251 17.87 22.32 15.37
CA LYS B 251 19.06 22.72 16.10
C LYS B 251 20.28 22.82 15.20
N SER B 252 20.21 22.23 14.01
CA SER B 252 21.35 22.21 13.10
C SER B 252 21.63 23.56 12.42
N GLU B 253 22.87 23.74 11.98
CA GLU B 253 23.23 24.91 11.18
C GLU B 253 22.56 24.87 9.79
N ASP B 254 22.42 23.66 9.23
CA ASP B 254 21.81 23.49 7.91
C ASP B 254 20.35 23.99 7.86
N ALA B 255 19.65 23.81 8.97
CA ALA B 255 18.26 24.23 9.09
C ALA B 255 18.11 25.74 9.07
N LYS B 256 19.16 26.47 9.45
CA LYS B 256 19.20 27.93 9.24
C LYS B 256 19.65 28.30 7.82
N GLU B 257 20.70 27.63 7.32
CA GLU B 257 21.24 27.90 5.97
C GLU B 257 20.22 27.71 4.84
N GLY B 258 19.38 26.67 4.96
CA GLY B 258 18.41 26.36 3.93
C GLY B 258 17.47 27.49 3.62
N PRO B 259 16.70 27.96 4.63
CA PRO B 259 15.73 29.04 4.38
C PRO B 259 16.42 30.38 4.11
N LEU B 260 17.58 30.61 4.72
CA LEU B 260 18.37 31.80 4.40
C LEU B 260 18.79 31.80 2.92
N ALA B 261 19.38 30.70 2.43
CA ALA B 261 19.81 30.65 1.01
C ALA B 261 18.64 30.84 0.05
N PHE B 262 17.48 30.28 0.41
CA PHE B 262 16.28 30.42 -0.39
C PHE B 262 15.87 31.88 -0.44
N ALA B 263 15.84 32.53 0.71
CA ALA B 263 15.50 33.95 0.77
C ALA B 263 16.52 34.78 0.00
N GLU B 264 17.76 34.33 -0.07
CA GLU B 264 18.82 35.10 -0.76
C GLU B 264 19.03 34.70 -2.23
N LYS B 265 18.21 33.76 -2.71
CA LYS B 265 18.21 33.32 -4.12
C LYS B 265 19.59 32.84 -4.50
N ARG B 266 20.17 31.99 -3.67
CA ARG B 266 21.48 31.42 -3.90
C ARG B 266 21.42 29.95 -3.54
N GLN B 267 22.46 29.22 -3.90
CA GLN B 267 22.57 27.79 -3.60
C GLN B 267 23.00 27.60 -2.13
N PRO B 268 22.32 26.72 -1.39
CA PRO B 268 22.75 26.48 0.00
C PRO B 268 24.09 25.74 0.09
N VAL B 269 24.87 26.03 1.14
CA VAL B 269 26.10 25.28 1.42
C VAL B 269 25.84 24.45 2.68
N TRP B 270 25.65 23.14 2.49
CA TRP B 270 25.31 22.23 3.58
C TRP B 270 26.56 21.84 4.32
N LYS B 271 26.49 21.88 5.64
CA LYS B 271 27.60 21.45 6.50
C LYS B 271 27.40 20.07 7.11
N ALA B 272 26.17 19.52 6.99
CA ALA B 272 25.81 18.27 7.65
C ALA B 272 25.96 18.40 9.18
N ARG B 273 25.55 19.55 9.69
CA ARG B 273 25.42 19.79 11.12
C ARG B 273 24.59 21.05 11.28
N VAL C 12 -35.24 -25.24 -4.91
CA VAL C 12 -34.66 -25.02 -3.55
C VAL C 12 -33.77 -26.22 -3.14
N THR C 13 -34.07 -27.41 -3.66
CA THR C 13 -33.45 -28.67 -3.18
C THR C 13 -32.16 -29.16 -3.86
N ARG C 14 -31.34 -28.24 -4.35
CA ARG C 14 -30.01 -28.64 -4.80
C ARG C 14 -29.02 -28.30 -3.68
N GLN C 15 -27.87 -28.95 -3.68
CA GLN C 15 -26.80 -28.52 -2.80
C GLN C 15 -26.53 -27.03 -3.06
N ALA C 16 -26.42 -26.24 -2.00
CA ALA C 16 -26.30 -24.77 -2.14
C ALA C 16 -24.98 -24.34 -2.79
N ALA C 17 -23.92 -25.12 -2.53
CA ALA C 17 -22.65 -24.96 -3.20
C ALA C 17 -22.05 -26.33 -3.41
N VAL C 18 -21.33 -26.49 -4.52
CA VAL C 18 -20.82 -27.78 -4.96
C VAL C 18 -19.29 -27.74 -5.00
N VAL C 19 -18.66 -28.85 -4.64
CA VAL C 19 -17.21 -28.98 -4.69
C VAL C 19 -16.78 -30.06 -5.68
N GLU C 20 -15.75 -29.75 -6.47
CA GLU C 20 -15.15 -30.71 -7.38
C GLU C 20 -13.64 -30.68 -7.23
N ARG C 21 -13.01 -31.84 -7.41
CA ARG C 21 -11.57 -31.92 -7.45
C ARG C 21 -11.10 -31.85 -8.91
N ARG C 22 -10.02 -31.09 -9.14
CA ARG C 22 -9.36 -31.00 -10.44
C ARG C 22 -7.85 -31.04 -10.19
N GLY C 23 -7.28 -32.24 -10.18
CA GLY C 23 -5.84 -32.37 -9.87
C GLY C 23 -5.63 -32.16 -8.38
N ASN C 24 -4.73 -31.25 -8.03
CA ASN C 24 -4.53 -30.80 -6.63
C ASN C 24 -5.37 -29.55 -6.27
N VAL C 25 -6.40 -29.26 -7.08
CA VAL C 25 -7.23 -28.07 -6.90
C VAL C 25 -8.64 -28.45 -6.49
N ALA C 26 -9.15 -27.80 -5.46
CA ALA C 26 -10.57 -27.95 -5.14
C ALA C 26 -11.32 -26.78 -5.74
N LEU C 27 -12.41 -27.10 -6.43
CA LEU C 27 -13.23 -26.10 -7.10
C LEU C 27 -14.60 -25.98 -6.42
N ILE C 28 -14.88 -24.82 -5.84
CA ILE C 28 -16.15 -24.57 -5.14
C ILE C 28 -17.01 -23.67 -6.02
N THR C 29 -18.23 -24.12 -6.30
CA THR C 29 -19.20 -23.33 -7.06
C THR C 29 -20.39 -23.03 -6.18
N ILE C 30 -20.61 -21.74 -5.90
CA ILE C 30 -21.88 -21.32 -5.32
C ILE C 30 -22.97 -21.59 -6.37
N ASP C 31 -24.00 -22.33 -5.99
CA ASP C 31 -24.93 -22.86 -6.99
C ASP C 31 -26.38 -22.49 -6.71
N ARG C 32 -26.63 -21.18 -6.72
CA ARG C 32 -27.97 -20.65 -6.58
C ARG C 32 -28.16 -19.61 -7.71
N PRO C 33 -27.98 -20.04 -8.99
CA PRO C 33 -28.04 -19.07 -10.10
C PRO C 33 -29.39 -18.34 -10.15
N ASP C 34 -30.48 -19.02 -9.80
CA ASP C 34 -31.79 -18.34 -9.76
C ASP C 34 -31.87 -17.22 -8.73
N ALA C 35 -31.10 -17.33 -7.66
CA ALA C 35 -31.04 -16.27 -6.64
C ALA C 35 -29.80 -15.38 -6.82
N ARG C 36 -29.21 -15.47 -8.02
CA ARG C 36 -28.02 -14.70 -8.39
C ARG C 36 -26.84 -15.06 -7.48
N ASN C 37 -26.83 -16.29 -6.99
CA ASN C 37 -25.75 -16.78 -6.13
C ASN C 37 -25.62 -15.96 -4.84
N ALA C 38 -26.74 -15.46 -4.35
CA ALA C 38 -26.78 -14.82 -3.04
C ALA C 38 -26.50 -15.86 -1.96
N VAL C 39 -25.98 -15.40 -0.83
CA VAL C 39 -25.53 -16.29 0.21
C VAL C 39 -26.56 -16.41 1.34
N ASN C 40 -27.02 -17.66 1.59
CA ASN C 40 -27.79 -17.98 2.81
C ASN C 40 -26.96 -18.90 3.72
N GLY C 41 -27.54 -19.36 4.84
CA GLY C 41 -26.91 -20.31 5.75
C GLY C 41 -26.44 -21.59 5.05
N ALA C 42 -27.24 -22.13 4.15
CA ALA C 42 -26.85 -23.33 3.34
C ALA C 42 -25.56 -23.13 2.49
N VAL C 43 -25.45 -21.98 1.83
CA VAL C 43 -24.20 -21.63 1.11
C VAL C 43 -23.03 -21.53 2.08
N SER C 44 -23.19 -20.78 3.19
CA SER C 44 -22.09 -20.61 4.15
C SER C 44 -21.64 -21.94 4.72
N THR C 45 -22.62 -22.80 5.04
CA THR C 45 -22.30 -24.13 5.55
C THR C 45 -21.48 -24.92 4.54
N ALA C 46 -21.95 -24.97 3.29
CA ALA C 46 -21.24 -25.71 2.23
C ALA C 46 -19.84 -25.14 1.93
N VAL C 47 -19.76 -23.83 1.78
CA VAL C 47 -18.50 -23.16 1.42
C VAL C 47 -17.49 -23.28 2.57
N GLY C 48 -17.95 -23.01 3.79
CA GLY C 48 -17.11 -23.16 4.99
C GLY C 48 -16.61 -24.58 5.18
N ASP C 49 -17.53 -25.55 5.05
CA ASP C 49 -17.10 -26.97 5.09
C ASP C 49 -16.03 -27.32 4.03
N ALA C 50 -16.23 -26.84 2.82
CA ALA C 50 -15.32 -27.13 1.71
C ALA C 50 -13.97 -26.51 1.96
N LEU C 51 -13.93 -25.29 2.50
CA LEU C 51 -12.65 -24.64 2.85
C LEU C 51 -11.89 -25.41 3.91
N GLU C 52 -12.60 -25.86 4.95
CA GLU C 52 -12.00 -26.61 6.05
C GLU C 52 -11.47 -27.96 5.55
N GLU C 53 -12.22 -28.62 4.67
CA GLU C 53 -11.78 -29.86 4.07
C GLU C 53 -10.54 -29.61 3.18
N ALA C 54 -10.51 -28.49 2.46
CA ALA C 54 -9.36 -28.18 1.63
C ALA C 54 -8.14 -27.94 2.49
N GLN C 55 -8.33 -27.28 3.62
CA GLN C 55 -7.26 -27.07 4.60
C GLN C 55 -6.64 -28.38 5.13
N ARG C 56 -7.51 -29.34 5.44
CA ARG C 56 -7.13 -30.59 6.11
CA ARG C 56 -7.10 -30.58 6.12
C ARG C 56 -6.52 -31.62 5.15
N ASP C 57 -6.95 -31.59 3.89
CA ASP C 57 -6.43 -32.52 2.89
C ASP C 57 -5.03 -32.10 2.40
N PRO C 58 -3.98 -32.88 2.74
CA PRO C 58 -2.64 -32.48 2.29
C PRO C 58 -2.44 -32.51 0.77
N GLU C 59 -3.33 -33.21 0.05
CA GLU C 59 -3.27 -33.27 -1.41
C GLU C 59 -4.02 -32.12 -2.13
N VAL C 60 -4.71 -31.25 -1.39
CA VAL C 60 -5.31 -30.05 -2.00
C VAL C 60 -4.35 -28.90 -1.86
N TRP C 61 -3.86 -28.42 -3.00
CA TRP C 61 -2.78 -27.42 -3.02
C TRP C 61 -3.25 -26.04 -3.45
N ALA C 62 -4.50 -25.95 -3.91
CA ALA C 62 -5.10 -24.65 -4.22
C ALA C 62 -6.62 -24.79 -4.27
N VAL C 63 -7.32 -23.67 -4.10
CA VAL C 63 -8.79 -23.61 -4.15
C VAL C 63 -9.22 -22.51 -5.12
N VAL C 64 -10.20 -22.81 -5.95
CA VAL C 64 -10.87 -21.81 -6.75
C VAL C 64 -12.32 -21.74 -6.30
N ILE C 65 -12.84 -20.52 -6.09
CA ILE C 65 -14.26 -20.34 -5.85
C ILE C 65 -14.85 -19.54 -7.00
N THR C 66 -16.06 -19.91 -7.38
CA THR C 66 -16.79 -19.26 -8.45
C THR C 66 -18.31 -19.35 -8.21
N GLY C 67 -19.09 -18.67 -9.04
CA GLY C 67 -20.56 -18.78 -8.96
C GLY C 67 -21.13 -19.42 -10.23
N ALA C 68 -22.24 -20.15 -10.08
CA ALA C 68 -22.90 -20.75 -11.24
C ALA C 68 -23.33 -19.72 -12.28
N GLY C 69 -23.17 -20.08 -13.56
CA GLY C 69 -23.68 -19.25 -14.68
C GLY C 69 -22.83 -18.03 -15.04
N ASP C 70 -23.40 -17.13 -15.81
CA ASP C 70 -22.60 -16.07 -16.45
C ASP C 70 -23.05 -14.66 -16.08
N LYS C 71 -24.01 -14.56 -15.15
CA LYS C 71 -24.59 -13.27 -14.74
C LYS C 71 -24.06 -12.70 -13.39
N SER C 72 -23.85 -13.59 -12.40
CA SER C 72 -23.51 -13.18 -11.05
C SER C 72 -22.50 -14.14 -10.41
N PHE C 73 -21.40 -13.58 -9.95
CA PHE C 73 -20.45 -14.29 -9.12
C PHE C 73 -21.07 -14.49 -7.75
N CYS C 74 -21.49 -13.38 -7.13
CA CYS C 74 -22.22 -13.42 -5.87
C CYS C 74 -22.96 -12.12 -5.63
N ALA C 75 -24.26 -12.21 -5.43
CA ALA C 75 -25.11 -11.03 -5.25
C ALA C 75 -24.99 -10.45 -3.85
N GLY C 76 -24.31 -11.14 -2.93
CA GLY C 76 -24.17 -10.72 -1.53
C GLY C 76 -25.11 -11.53 -0.65
N ALA C 77 -25.53 -10.96 0.47
CA ALA C 77 -26.40 -11.65 1.43
C ALA C 77 -27.77 -11.86 0.81
N ASP C 78 -28.36 -13.02 1.09
CA ASP C 78 -29.72 -13.27 0.60
C ASP C 78 -30.70 -12.39 1.38
N LEU C 79 -31.39 -11.50 0.65
CA LEU C 79 -32.28 -10.52 1.27
C LEU C 79 -33.59 -11.11 1.78
N LYS C 80 -34.15 -12.09 1.08
CA LYS C 80 -35.29 -12.84 1.59
C LYS C 80 -34.90 -13.60 2.89
N ALA C 81 -33.78 -14.31 2.90
CA ALA C 81 -33.30 -14.93 4.15
C ALA C 81 -33.21 -13.90 5.29
N ILE C 82 -32.64 -12.72 5.01
CA ILE C 82 -32.49 -11.65 6.01
C ILE C 82 -33.84 -11.17 6.51
N SER C 83 -34.79 -10.98 5.59
CA SER C 83 -36.12 -10.52 5.98
C SER C 83 -36.89 -11.56 6.80
N ARG C 84 -36.52 -12.84 6.67
CA ARG C 84 -37.12 -13.90 7.47
C ARG C 84 -36.39 -14.12 8.82
N GLY C 85 -35.42 -13.25 9.11
CA GLY C 85 -34.62 -13.30 10.34
C GLY C 85 -33.73 -14.54 10.48
N GLU C 86 -33.39 -15.17 9.35
CA GLU C 86 -32.56 -16.39 9.34
C GLU C 86 -31.08 -16.15 9.64
N ASN C 87 -30.41 -17.20 10.12
CA ASN C 87 -28.95 -17.20 10.27
C ASN C 87 -28.27 -17.38 8.92
N LEU C 88 -27.41 -16.44 8.53
CA LEU C 88 -26.78 -16.51 7.20
C LEU C 88 -25.37 -17.09 7.25
N TYR C 89 -24.83 -17.24 8.45
CA TYR C 89 -23.50 -17.80 8.64
C TYR C 89 -23.46 -19.33 8.70
N HIS C 90 -22.26 -19.90 8.71
CA HIS C 90 -22.07 -21.31 8.99
C HIS C 90 -22.65 -21.57 10.39
N ALA C 91 -23.52 -22.57 10.52
CA ALA C 91 -24.18 -22.86 11.80
C ALA C 91 -23.23 -23.22 12.94
N GLU C 92 -22.09 -23.82 12.61
CA GLU C 92 -21.11 -24.15 13.67
C GLU C 92 -19.98 -23.12 13.83
N HIS C 93 -19.72 -22.34 12.78
CA HIS C 93 -18.62 -21.37 12.80
C HIS C 93 -19.02 -19.93 12.41
N PRO C 94 -19.83 -19.26 13.24
CA PRO C 94 -20.16 -17.89 12.87
C PRO C 94 -18.90 -17.02 12.76
N GLU C 95 -17.82 -17.37 13.46
CA GLU C 95 -16.54 -16.61 13.37
C GLU C 95 -15.90 -16.57 11.96
N TRP C 96 -16.28 -17.51 11.08
CA TRP C 96 -15.79 -17.49 9.68
C TRP C 96 -16.43 -16.38 8.87
N GLY C 97 -17.53 -15.83 9.40
CA GLY C 97 -18.18 -14.65 8.80
C GLY C 97 -18.89 -14.96 7.49
N PHE C 98 -19.05 -13.93 6.66
CA PHE C 98 -19.86 -14.02 5.45
C PHE C 98 -19.48 -15.24 4.60
N ALA C 99 -20.48 -16.04 4.24
CA ALA C 99 -20.31 -17.20 3.39
C ALA C 99 -19.38 -18.31 3.94
N GLY C 100 -19.03 -18.27 5.22
CA GLY C 100 -18.06 -19.21 5.79
C GLY C 100 -16.65 -18.98 5.24
N TYR C 101 -16.43 -17.80 4.66
CA TYR C 101 -15.31 -17.54 3.79
C TYR C 101 -14.44 -16.33 4.19
N VAL C 102 -15.04 -15.17 4.41
CA VAL C 102 -14.25 -13.94 4.47
C VAL C 102 -13.34 -13.87 5.70
N HIS C 103 -13.76 -14.50 6.80
CA HIS C 103 -12.93 -14.56 8.00
C HIS C 103 -12.47 -16.00 8.29
N HIS C 104 -12.07 -16.72 7.23
CA HIS C 104 -11.74 -18.15 7.32
C HIS C 104 -10.39 -18.38 6.62
N PHE C 105 -9.30 -18.12 7.33
CA PHE C 105 -7.97 -18.25 6.73
C PHE C 105 -7.62 -19.71 6.57
N ILE C 106 -7.10 -20.08 5.39
CA ILE C 106 -6.58 -21.43 5.20
C ILE C 106 -5.19 -21.30 4.60
N ASP C 107 -4.35 -22.33 4.77
CA ASP C 107 -2.99 -22.35 4.23
C ASP C 107 -2.92 -22.38 2.71
N LYS C 108 -3.96 -22.93 2.08
CA LYS C 108 -3.96 -23.12 0.61
C LYS C 108 -4.29 -21.83 -0.15
N PRO C 109 -3.58 -21.55 -1.24
CA PRO C 109 -3.92 -20.37 -2.04
C PRO C 109 -5.36 -20.44 -2.57
N THR C 110 -6.08 -19.33 -2.45
CA THR C 110 -7.46 -19.25 -2.94
C THR C 110 -7.55 -18.27 -4.11
N ILE C 111 -8.33 -18.65 -5.12
CA ILE C 111 -8.54 -17.83 -6.32
C ILE C 111 -10.05 -17.65 -6.52
N ALA C 112 -10.50 -16.39 -6.56
CA ALA C 112 -11.88 -16.08 -6.90
C ALA C 112 -11.98 -16.03 -8.44
N ALA C 113 -12.81 -16.90 -9.03
CA ALA C 113 -13.08 -16.83 -10.47
C ALA C 113 -14.41 -16.11 -10.66
N VAL C 114 -14.32 -14.78 -10.80
CA VAL C 114 -15.47 -13.90 -10.79
C VAL C 114 -16.20 -13.96 -12.14
N ASN C 115 -17.33 -14.65 -12.18
CA ASN C 115 -18.02 -14.96 -13.47
C ASN C 115 -19.12 -13.98 -13.85
N GLY C 116 -19.23 -12.91 -13.09
CA GLY C 116 -20.27 -11.92 -13.34
C GLY C 116 -20.24 -10.84 -12.27
N THR C 117 -21.38 -10.21 -12.05
CA THR C 117 -21.48 -9.17 -11.03
C THR C 117 -20.97 -9.64 -9.65
N ALA C 118 -20.22 -8.77 -8.99
CA ALA C 118 -19.67 -9.06 -7.68
C ALA C 118 -19.69 -7.76 -6.87
N LEU C 119 -20.87 -7.22 -6.67
CA LEU C 119 -21.01 -6.06 -5.82
C LEU C 119 -21.17 -6.51 -4.39
N GLY C 120 -20.76 -5.67 -3.44
CA GLY C 120 -20.99 -5.93 -2.03
C GLY C 120 -20.30 -7.19 -1.58
N GLY C 121 -21.09 -8.14 -1.09
CA GLY C 121 -20.54 -9.37 -0.52
C GLY C 121 -19.68 -10.10 -1.53
N GLY C 122 -20.07 -9.99 -2.79
CA GLY C 122 -19.29 -10.54 -3.89
C GLY C 122 -17.89 -9.99 -3.97
N SER C 123 -17.77 -8.66 -3.80
CA SER C 123 -16.47 -8.01 -3.75
C SER C 123 -15.70 -8.42 -2.52
N GLU C 124 -16.40 -8.64 -1.41
CA GLU C 124 -15.75 -9.07 -0.19
C GLU C 124 -15.15 -10.46 -0.29
N LEU C 125 -15.79 -11.36 -1.07
CA LEU C 125 -15.20 -12.68 -1.33
C LEU C 125 -13.89 -12.51 -2.13
N ALA C 126 -13.95 -11.62 -3.14
CA ALA C 126 -12.80 -11.31 -3.96
C ALA C 126 -11.69 -10.71 -3.13
N LEU C 127 -12.03 -9.74 -2.27
CA LEU C 127 -11.03 -9.13 -1.41
C LEU C 127 -10.39 -10.15 -0.44
N ALA C 128 -11.17 -11.13 0.02
CA ALA C 128 -10.71 -12.15 0.99
C ALA C 128 -9.82 -13.21 0.34
N SER C 129 -9.96 -13.38 -0.97
CA SER C 129 -9.18 -14.34 -1.72
C SER C 129 -7.76 -13.80 -1.98
N ASP C 130 -6.84 -14.72 -2.24
CA ASP C 130 -5.46 -14.34 -2.53
C ASP C 130 -5.28 -13.75 -3.92
N LEU C 131 -6.02 -14.30 -4.89
CA LEU C 131 -5.89 -13.91 -6.29
C LEU C 131 -7.27 -13.85 -6.92
N VAL C 132 -7.39 -13.08 -8.00
CA VAL C 132 -8.70 -12.87 -8.65
C VAL C 132 -8.56 -12.85 -10.15
N ILE C 133 -9.37 -13.67 -10.80
CA ILE C 133 -9.55 -13.56 -12.24
C ILE C 133 -11.00 -13.17 -12.48
N ALA C 134 -11.23 -12.18 -13.35
CA ALA C 134 -12.60 -11.71 -13.64
C ALA C 134 -12.95 -11.78 -15.11
N CYS C 135 -14.23 -12.00 -15.41
CA CYS C 135 -14.70 -11.86 -16.79
C CYS C 135 -14.81 -10.38 -17.14
N GLU C 136 -14.84 -10.14 -18.46
CA GLU C 136 -14.82 -8.80 -19.02
C GLU C 136 -15.96 -7.91 -18.49
N SER C 137 -17.14 -8.50 -18.30
CA SER C 137 -18.30 -7.75 -17.87
C SER C 137 -18.47 -7.70 -16.34
N ALA C 138 -17.52 -8.27 -15.61
CA ALA C 138 -17.58 -8.26 -14.14
C ALA C 138 -17.41 -6.85 -13.59
N SER C 139 -18.02 -6.58 -12.44
CA SER C 139 -17.77 -5.33 -11.76
C SER C 139 -17.73 -5.52 -10.25
N PHE C 140 -16.94 -4.67 -9.64
CA PHE C 140 -16.72 -4.68 -8.20
C PHE C 140 -17.27 -3.38 -7.61
N GLY C 141 -17.49 -3.39 -6.31
CA GLY C 141 -17.95 -2.21 -5.60
C GLY C 141 -18.55 -2.57 -4.24
N LEU C 142 -18.72 -1.53 -3.41
CA LEU C 142 -19.35 -1.69 -2.11
C LEU C 142 -20.47 -0.65 -2.00
N PRO C 143 -21.62 -0.94 -2.61
CA PRO C 143 -22.75 -0.02 -2.67
C PRO C 143 -23.57 0.08 -1.37
N GLU C 144 -23.18 -0.63 -0.30
CA GLU C 144 -23.94 -0.59 0.97
C GLU C 144 -24.20 0.85 1.48
N VAL C 145 -23.26 1.77 1.27
CA VAL C 145 -23.44 3.16 1.70
C VAL C 145 -24.67 3.83 1.09
N LYS C 146 -25.15 3.29 -0.02
CA LYS C 146 -26.35 3.85 -0.64
C LYS C 146 -27.63 3.37 0.06
N ARG C 147 -27.51 2.37 0.94
CA ARG C 147 -28.68 1.75 1.58
C ARG C 147 -28.82 2.06 3.06
N GLY C 148 -27.79 2.60 3.68
CA GLY C 148 -27.82 2.84 5.13
C GLY C 148 -26.93 1.93 5.96
N LEU C 149 -26.21 0.99 5.35
CA LEU C 149 -25.31 0.10 6.11
C LEU C 149 -23.89 0.27 5.59
N ILE C 150 -22.96 -0.59 6.01
CA ILE C 150 -21.61 -0.59 5.46
C ILE C 150 -21.26 -2.00 4.96
N ALA C 151 -20.17 -2.12 4.21
CA ALA C 151 -19.55 -3.40 3.92
C ALA C 151 -18.98 -4.04 5.20
N GLY C 152 -19.81 -4.85 5.86
CA GLY C 152 -19.45 -5.47 7.15
C GLY C 152 -18.68 -6.80 7.09
N ALA C 153 -18.40 -7.28 5.88
CA ALA C 153 -17.68 -8.54 5.69
C ALA C 153 -16.20 -8.29 5.29
N GLY C 154 -15.62 -7.21 5.81
CA GLY C 154 -14.19 -6.90 5.63
C GLY C 154 -13.89 -5.99 4.44
N GLY C 155 -14.91 -5.66 3.65
CA GLY C 155 -14.73 -4.85 2.43
C GLY C 155 -14.06 -3.49 2.64
N VAL C 156 -14.51 -2.72 3.63
CA VAL C 156 -13.96 -1.37 3.87
C VAL C 156 -12.47 -1.39 4.21
N PHE C 157 -12.07 -2.20 5.20
CA PHE C 157 -10.67 -2.16 5.56
C PHE C 157 -9.75 -2.89 4.59
N ARG C 158 -10.26 -3.87 3.85
CA ARG C 158 -9.41 -4.56 2.88
C ARG C 158 -9.23 -3.79 1.58
N ILE C 159 -10.29 -3.08 1.12
CA ILE C 159 -10.16 -2.36 -0.15
C ILE C 159 -9.14 -1.21 -0.01
N VAL C 160 -9.10 -0.54 1.14
CA VAL C 160 -8.04 0.46 1.37
C VAL C 160 -6.59 -0.13 1.33
N GLU C 161 -6.46 -1.42 1.57
CA GLU C 161 -5.15 -2.05 1.46
C GLU C 161 -4.83 -2.55 0.07
N GLN C 162 -5.84 -2.75 -0.75
CA GLN C 162 -5.66 -3.44 -2.04
C GLN C 162 -5.76 -2.53 -3.25
N LEU C 163 -6.14 -1.27 -3.02
CA LEU C 163 -6.17 -0.22 -4.05
C LEU C 163 -5.35 0.92 -3.48
N PRO C 164 -4.85 1.84 -4.35
CA PRO C 164 -4.32 3.07 -3.78
C PRO C 164 -5.35 3.74 -2.90
N ARG C 165 -4.87 4.28 -1.77
CA ARG C 165 -5.71 4.88 -0.75
C ARG C 165 -6.81 5.81 -1.30
N LYS C 166 -6.44 6.80 -2.14
CA LYS C 166 -7.42 7.78 -2.59
C LYS C 166 -8.47 7.10 -3.49
N VAL C 167 -8.01 6.13 -4.27
CA VAL C 167 -8.91 5.40 -5.16
C VAL C 167 -9.88 4.51 -4.37
N ALA C 168 -9.36 3.82 -3.35
CA ALA C 168 -10.21 3.03 -2.43
C ALA C 168 -11.23 3.92 -1.76
N LEU C 169 -10.80 5.09 -1.30
CA LEU C 169 -11.72 5.95 -0.55
C LEU C 169 -12.86 6.44 -1.43
N GLU C 170 -12.55 6.75 -2.68
CA GLU C 170 -13.60 7.14 -3.62
C GLU C 170 -14.61 5.99 -3.79
N LEU C 171 -14.10 4.77 -3.93
CA LEU C 171 -15.00 3.63 -4.11
C LEU C 171 -15.88 3.44 -2.86
N VAL C 172 -15.25 3.54 -1.68
CA VAL C 172 -15.95 3.32 -0.44
C VAL C 172 -17.03 4.40 -0.15
N LEU C 173 -16.67 5.66 -0.35
CA LEU C 173 -17.53 6.78 0.05
C LEU C 173 -18.63 7.06 -0.98
N THR C 174 -18.37 6.78 -2.27
CA THR C 174 -19.39 6.99 -3.30
C THR C 174 -20.31 5.79 -3.45
N GLY C 175 -19.79 4.61 -3.13
CA GLY C 175 -20.52 3.36 -3.37
C GLY C 175 -20.67 3.00 -4.86
N GLU C 176 -19.87 3.62 -5.71
CA GLU C 176 -19.93 3.43 -7.18
C GLU C 176 -19.08 2.23 -7.65
N PRO C 177 -19.47 1.56 -8.77
CA PRO C 177 -18.73 0.35 -9.10
C PRO C 177 -17.39 0.57 -9.80
N MET C 178 -16.57 -0.47 -9.85
CA MET C 178 -15.33 -0.42 -10.59
C MET C 178 -15.39 -1.58 -11.57
N THR C 179 -15.06 -1.31 -12.82
CA THR C 179 -15.04 -2.32 -13.87
C THR C 179 -13.83 -3.23 -13.71
N ALA C 180 -13.90 -4.39 -14.37
CA ALA C 180 -12.85 -5.36 -14.29
C ALA C 180 -11.56 -4.81 -14.90
N SER C 181 -11.66 -4.08 -16.01
CA SER C 181 -10.48 -3.49 -16.67
C SER C 181 -9.77 -2.47 -15.78
N ASP C 182 -10.53 -1.60 -15.13
CA ASP C 182 -9.92 -0.66 -14.15
C ASP C 182 -9.30 -1.39 -12.96
N ALA C 183 -9.98 -2.41 -12.45
CA ALA C 183 -9.45 -3.23 -11.36
C ALA C 183 -8.11 -3.86 -11.72
N LEU C 184 -8.05 -4.37 -12.96
CA LEU C 184 -6.83 -4.94 -13.52
C LEU C 184 -5.71 -3.88 -13.57
N ARG C 185 -6.04 -2.69 -14.08
CA ARG C 185 -5.09 -1.58 -14.21
C ARG C 185 -4.53 -1.17 -12.83
N TRP C 186 -5.37 -1.11 -11.79
CA TRP C 186 -4.88 -0.79 -10.45
C TRP C 186 -4.10 -1.92 -9.74
N GLY C 187 -4.19 -3.14 -10.25
CA GLY C 187 -3.61 -4.31 -9.56
C GLY C 187 -4.51 -4.88 -8.46
N LEU C 188 -5.80 -4.52 -8.51
CA LEU C 188 -6.78 -5.14 -7.60
C LEU C 188 -7.07 -6.61 -7.98
N ILE C 189 -7.00 -6.92 -9.26
CA ILE C 189 -7.20 -8.28 -9.75
C ILE C 189 -6.05 -8.67 -10.66
N ASN C 190 -5.98 -9.96 -10.99
CA ASN C 190 -4.81 -10.48 -11.66
C ASN C 190 -4.96 -10.67 -13.15
N GLU C 191 -6.18 -10.88 -13.63
CA GLU C 191 -6.41 -11.15 -15.04
C GLU C 191 -7.86 -10.87 -15.37
N VAL C 192 -8.12 -10.42 -16.60
CA VAL C 192 -9.47 -10.23 -17.14
C VAL C 192 -9.57 -11.11 -18.40
N VAL C 193 -10.63 -11.92 -18.49
CA VAL C 193 -10.82 -12.91 -19.57
C VAL C 193 -12.24 -12.80 -20.21
N PRO C 194 -12.45 -13.38 -21.41
CA PRO C 194 -13.81 -13.25 -21.95
C PRO C 194 -14.87 -13.94 -21.09
N ASP C 195 -16.10 -13.41 -21.17
CA ASP C 195 -17.20 -13.93 -20.39
C ASP C 195 -17.32 -15.43 -20.70
N GLY C 196 -17.53 -16.23 -19.67
CA GLY C 196 -17.72 -17.67 -19.84
C GLY C 196 -16.46 -18.49 -19.74
N THR C 197 -15.29 -17.87 -19.67
CA THR C 197 -14.04 -18.63 -19.60
C THR C 197 -13.28 -18.52 -18.26
N VAL C 198 -13.90 -17.89 -17.27
CA VAL C 198 -13.20 -17.56 -16.04
C VAL C 198 -12.71 -18.78 -15.24
N VAL C 199 -13.49 -19.87 -15.28
CA VAL C 199 -13.14 -21.07 -14.51
C VAL C 199 -11.87 -21.71 -15.08
N GLU C 200 -11.84 -21.90 -16.41
CA GLU C 200 -10.66 -22.42 -17.09
C GLU C 200 -9.44 -21.52 -16.80
N ALA C 201 -9.65 -20.20 -16.80
CA ALA C 201 -8.54 -19.29 -16.58
C ALA C 201 -8.03 -19.39 -15.13
N ALA C 202 -8.96 -19.51 -14.18
CA ALA C 202 -8.57 -19.66 -12.76
C ALA C 202 -7.84 -20.97 -12.50
N LEU C 203 -8.27 -22.06 -13.16
CA LEU C 203 -7.60 -23.34 -13.03
C LEU C 203 -6.19 -23.28 -13.63
N ALA C 204 -6.05 -22.57 -14.75
CA ALA C 204 -4.74 -22.42 -15.35
C ALA C 204 -3.81 -21.62 -14.43
N LEU C 205 -4.36 -20.61 -13.76
CA LEU C 205 -3.55 -19.86 -12.79
C LEU C 205 -3.19 -20.77 -11.62
N ALA C 206 -4.15 -21.58 -11.17
CA ALA C 206 -3.91 -22.51 -10.05
C ALA C 206 -2.82 -23.51 -10.38
N GLU C 207 -2.78 -23.95 -11.64
CA GLU C 207 -1.74 -24.86 -12.13
C GLU C 207 -0.33 -24.26 -12.09
N ARG C 208 -0.24 -22.93 -12.17
CA ARG C 208 1.05 -22.25 -12.07
C ARG C 208 1.43 -22.05 -10.60
N ILE C 209 0.54 -22.48 -9.69
CA ILE C 209 0.83 -22.49 -8.25
C ILE C 209 1.07 -23.94 -7.74
N THR C 210 0.20 -24.86 -8.15
CA THR C 210 0.30 -26.24 -7.69
C THR C 210 1.51 -27.03 -8.26
N CYS C 211 2.20 -26.43 -9.23
CA CYS C 211 3.44 -26.97 -9.75
C CYS C 211 4.60 -26.70 -8.78
N ASN C 212 4.41 -25.76 -7.84
CA ASN C 212 5.43 -25.40 -6.88
C ASN C 212 5.32 -26.26 -5.61
N ALA C 213 6.36 -26.24 -4.78
CA ALA C 213 6.41 -27.01 -3.54
C ALA C 213 5.30 -26.52 -2.61
N PRO C 214 4.32 -27.37 -2.31
CA PRO C 214 3.12 -26.92 -1.55
C PRO C 214 3.42 -26.31 -0.16
N LEU C 215 4.40 -26.83 0.55
CA LEU C 215 4.74 -26.32 1.88
C LEU C 215 5.41 -24.94 1.80
N SER C 216 6.14 -24.68 0.70
CA SER C 216 6.75 -23.39 0.40
C SER C 216 5.69 -22.35 0.08
N VAL C 217 4.74 -22.75 -0.75
CA VAL C 217 3.67 -21.88 -1.18
C VAL C 217 2.81 -21.48 0.06
N GLN C 218 2.46 -22.48 0.88
CA GLN C 218 1.65 -22.22 2.07
C GLN C 218 2.40 -21.43 3.14
N ALA C 219 3.69 -21.71 3.36
CA ALA C 219 4.47 -20.89 4.29
C ALA C 219 4.58 -19.46 3.79
N SER C 220 4.72 -19.29 2.48
CA SER C 220 4.86 -17.95 1.89
C SER C 220 3.57 -17.15 2.12
N LYS C 221 2.44 -17.82 1.97
CA LYS C 221 1.13 -17.22 2.21
C LYS C 221 1.00 -16.72 3.65
N ARG C 222 1.40 -17.55 4.61
CA ARG C 222 1.36 -17.16 6.03
C ARG C 222 2.24 -15.95 6.31
N VAL C 223 3.47 -15.99 5.79
CA VAL C 223 4.39 -14.85 5.94
C VAL C 223 3.86 -13.59 5.23
N ALA C 224 3.30 -13.73 4.04
CA ALA C 224 2.72 -12.59 3.31
C ALA C 224 1.63 -11.86 4.09
N TYR C 225 0.76 -12.63 4.75
CA TYR C 225 -0.34 -12.05 5.50
C TYR C 225 -0.02 -11.76 6.97
N GLY C 226 1.08 -12.31 7.47
CA GLY C 226 1.38 -12.22 8.90
C GLY C 226 0.38 -13.08 9.66
N ALA C 227 0.12 -14.28 9.17
CA ALA C 227 -0.79 -15.16 9.85
C ALA C 227 -0.03 -16.10 10.81
N ASP C 228 -0.48 -16.14 12.07
CA ASP C 228 0.00 -17.08 13.12
C ASP C 228 -1.19 -17.94 13.61
N ASP C 229 -1.04 -19.27 13.55
CA ASP C 229 -2.07 -20.22 13.99
C ASP C 229 -3.45 -19.94 13.42
N GLY C 230 -3.51 -19.60 12.14
CA GLY C 230 -4.76 -19.35 11.43
C GLY C 230 -5.38 -17.98 11.64
N ILE C 231 -4.69 -17.09 12.36
CA ILE C 231 -5.25 -15.75 12.66
C ILE C 231 -4.34 -14.66 12.07
N ILE C 232 -4.93 -13.67 11.42
CA ILE C 232 -4.17 -12.51 11.01
C ILE C 232 -4.37 -11.44 12.09
N GLY C 233 -3.41 -11.37 13.01
CA GLY C 233 -3.51 -10.53 14.21
C GLY C 233 -3.82 -9.08 13.91
N ALA C 234 -3.20 -8.57 12.85
CA ALA C 234 -3.39 -7.20 12.44
C ALA C 234 -4.82 -6.88 12.01
N GLU C 235 -5.55 -7.86 11.46
CA GLU C 235 -6.94 -7.65 11.05
C GLU C 235 -7.95 -7.76 12.19
N GLU C 236 -7.61 -8.45 13.26
CA GLU C 236 -8.59 -8.69 14.32
C GLU C 236 -9.23 -7.38 14.87
N PRO C 237 -8.41 -6.33 15.17
CA PRO C 237 -9.06 -5.06 15.60
C PRO C 237 -9.86 -4.38 14.48
N LYS C 238 -9.54 -4.68 13.23
CA LYS C 238 -10.31 -4.16 12.07
C LYS C 238 -11.69 -4.83 11.97
N TRP C 239 -11.72 -6.15 12.14
CA TRP C 239 -12.98 -6.86 12.32
C TRP C 239 -13.84 -6.31 13.48
N GLU C 240 -13.23 -6.11 14.66
CA GLU C 240 -13.98 -5.62 15.83
C GLU C 240 -14.65 -4.27 15.52
N ARG C 241 -13.86 -3.36 14.92
CA ARG C 241 -14.32 -2.03 14.53
C ARG C 241 -15.45 -2.11 13.52
N THR C 242 -15.25 -2.88 12.47
CA THR C 242 -16.29 -3.12 11.46
C THR C 242 -17.62 -3.61 12.06
N ILE C 243 -17.55 -4.65 12.89
CA ILE C 243 -18.77 -5.22 13.48
C ILE C 243 -19.47 -4.21 14.41
N ARG C 244 -18.70 -3.51 15.24
CA ARG C 244 -19.27 -2.48 16.12
C ARG C 244 -20.02 -1.40 15.30
N GLU C 245 -19.37 -0.89 14.25
CA GLU C 245 -19.94 0.12 13.40
C GLU C 245 -21.18 -0.41 12.68
N PHE C 246 -21.09 -1.64 12.17
CA PHE C 246 -22.19 -2.21 11.43
C PHE C 246 -23.44 -2.33 12.32
N THR C 247 -23.23 -2.76 13.56
CA THR C 247 -24.31 -2.95 14.55
C THR C 247 -25.09 -1.66 14.86
N GLU C 248 -24.34 -0.61 15.11
CA GLU C 248 -24.91 0.71 15.31
C GLU C 248 -25.75 1.19 14.10
N LEU C 249 -25.29 0.92 12.88
CA LEU C 249 -26.05 1.31 11.69
C LEU C 249 -27.37 0.52 11.54
N LEU C 250 -27.32 -0.80 11.77
CA LEU C 250 -28.55 -1.61 11.78
C LEU C 250 -29.69 -0.98 12.57
N LYS C 251 -29.36 -0.37 13.70
CA LYS C 251 -30.35 0.27 14.57
C LYS C 251 -30.83 1.63 14.11
N SER C 252 -30.16 2.24 13.13
CA SER C 252 -30.50 3.62 12.73
C SER C 252 -31.83 3.69 11.98
N GLU C 253 -32.46 4.86 11.98
CA GLU C 253 -33.63 5.10 11.14
C GLU C 253 -33.30 4.99 9.66
N ASP C 254 -32.19 5.64 9.25
CA ASP C 254 -31.72 5.66 7.87
C ASP C 254 -31.55 4.26 7.30
N ALA C 255 -31.12 3.31 8.12
CA ALA C 255 -31.00 1.92 7.64
C ALA C 255 -32.33 1.28 7.17
N LYS C 256 -33.46 1.83 7.61
CA LYS C 256 -34.78 1.38 7.11
C LYS C 256 -35.29 2.25 5.96
N GLU C 257 -35.00 3.54 6.01
CA GLU C 257 -35.29 4.43 4.89
C GLU C 257 -34.65 3.94 3.57
N GLY C 258 -33.41 3.45 3.61
CA GLY C 258 -32.73 2.98 2.40
C GLY C 258 -33.49 1.95 1.58
N PRO C 259 -33.82 0.79 2.19
CA PRO C 259 -34.61 -0.22 1.51
C PRO C 259 -36.06 0.21 1.19
N LEU C 260 -36.71 0.97 2.08
CA LEU C 260 -38.07 1.49 1.85
C LEU C 260 -38.14 2.40 0.61
N ALA C 261 -37.22 3.35 0.50
CA ALA C 261 -37.02 4.14 -0.73
C ALA C 261 -36.78 3.32 -2.02
N PHE C 262 -35.99 2.25 -1.96
CA PHE C 262 -35.75 1.41 -3.16
C PHE C 262 -36.99 0.61 -3.52
N ALA C 263 -37.80 0.29 -2.51
CA ALA C 263 -39.08 -0.40 -2.71
C ALA C 263 -40.14 0.56 -3.30
N GLU C 264 -40.32 1.72 -2.67
CA GLU C 264 -41.29 2.72 -3.12
C GLU C 264 -40.79 3.46 -4.37
N LYS C 265 -39.70 2.96 -4.96
CA LYS C 265 -39.11 3.49 -6.19
C LYS C 265 -38.98 5.04 -6.21
N ARG C 266 -38.56 5.60 -5.07
CA ARG C 266 -38.22 7.03 -4.92
C ARG C 266 -36.77 7.23 -4.41
N GLN C 267 -36.36 8.49 -4.36
CA GLN C 267 -35.12 8.89 -3.71
C GLN C 267 -35.29 8.78 -2.16
N PRO C 268 -34.25 8.25 -1.47
CA PRO C 268 -34.20 8.23 0.00
C PRO C 268 -34.11 9.64 0.57
N VAL C 269 -34.79 9.89 1.69
CA VAL C 269 -34.57 11.12 2.41
C VAL C 269 -33.83 10.76 3.70
N TRP C 270 -32.55 11.12 3.78
CA TRP C 270 -31.73 10.75 4.92
C TRP C 270 -31.92 11.69 6.10
N LYS C 271 -31.87 11.15 7.32
CA LYS C 271 -31.98 11.97 8.52
C LYS C 271 -30.71 12.01 9.37
N ALA C 272 -29.66 11.26 8.99
CA ALA C 272 -28.46 11.15 9.84
C ALA C 272 -28.82 10.70 11.27
N ARG C 273 -29.71 9.73 11.36
CA ARG C 273 -30.00 9.02 12.62
C ARG C 273 -30.70 7.74 12.25
C1 EDO D . 20.68 -1.48 3.43
O1 EDO D . 20.90 -0.34 4.26
C2 EDO D . 19.29 -1.44 2.81
O2 EDO D . 19.00 -0.08 2.41
C1 EDO E . -0.88 2.68 -11.77
O1 EDO E . -2.03 2.71 -12.63
C2 EDO E . -0.09 1.41 -12.07
O2 EDO E . -0.90 0.52 -12.87
C1 EDO F . -9.25 17.12 7.84
O1 EDO F . -10.16 16.62 8.82
C2 EDO F . -8.47 15.96 7.26
O2 EDO F . -9.32 15.21 6.37
C1 EDO G . -13.35 11.82 -8.86
O1 EDO G . -14.38 12.76 -9.17
C2 EDO G . -13.20 10.80 -9.99
O2 EDO G . -14.45 10.11 -10.12
C1 GOL H . 5.95 21.36 8.38
O1 GOL H . 7.36 21.36 8.20
C2 GOL H . 5.24 21.53 7.03
O2 GOL H . 6.13 21.85 5.97
C3 GOL H . 4.17 22.61 7.15
O3 GOL H . 4.26 23.51 6.06
C1 EDO I . -10.17 -16.68 2.15
O1 EDO I . -9.07 -16.64 1.21
C2 EDO I . -10.74 -18.10 2.10
O2 EDO I . -9.87 -18.95 2.86
K K J . -22.09 -7.01 3.51
#